data_2QKO
#
_entry.id   2QKO
#
_cell.length_a   62.307
_cell.length_b   62.307
_cell.length_c   164.243
_cell.angle_alpha   90.00
_cell.angle_beta   90.00
_cell.angle_gamma   120.00
#
_symmetry.space_group_name_H-M   'P 31'
#
loop_
_entity.id
_entity.type
_entity.pdbx_description
1 polymer 'Possible transcriptional regulator, TetR family protein'
2 water water
#
_entity_poly.entity_id   1
_entity_poly.type   'polypeptide(L)'
_entity_poly.pdbx_seq_one_letter_code
;(MSE)GSSHHHHHHSSGRENLYFQGH(MSE)AQNPERRAALVNAAIEVLAREGARGLTFRAVDVEANVPKGTASNYFPSR
DDLFDQVGKRIHERLGPDPSVVEESGRKPQNLELAIEY(MSE)QGLFGRITRDRTGYLALQELRLEAVRRPELRTTLTRT
ISENLKRDIGFHLDSGLPGDRSTVL(MSE)LYLA(MSE)NALIVEHLTLPGVLEGVDTERLVADLVTRAVATPDA
;
_entity_poly.pdbx_strand_id   A,B,C,D
#
# COMPACT_ATOMS: atom_id res chain seq x y z
N PRO A 27 -27.85 -2.76 -11.14
CA PRO A 27 -26.81 -1.76 -11.37
C PRO A 27 -26.98 -0.57 -10.43
N GLU A 28 -28.08 0.17 -10.58
CA GLU A 28 -28.42 1.26 -9.66
C GLU A 28 -29.28 0.75 -8.51
N ARG A 29 -30.15 -0.21 -8.82
CA ARG A 29 -30.98 -0.90 -7.82
C ARG A 29 -30.12 -1.56 -6.73
N ARG A 30 -28.95 -2.04 -7.14
CA ARG A 30 -27.97 -2.61 -6.24
C ARG A 30 -27.43 -1.54 -5.30
N ALA A 31 -27.10 -0.37 -5.85
CA ALA A 31 -26.60 0.76 -5.06
C ALA A 31 -27.64 1.26 -4.05
N ALA A 32 -28.91 1.31 -4.48
CA ALA A 32 -30.03 1.57 -3.58
C ALA A 32 -30.09 0.56 -2.44
N LEU A 33 -29.73 -0.70 -2.72
CA LEU A 33 -29.72 -1.76 -1.72
C LEU A 33 -28.48 -1.66 -0.81
N VAL A 34 -27.37 -1.20 -1.37
CA VAL A 34 -26.13 -1.01 -0.60
C VAL A 34 -26.32 0.11 0.41
N ASN A 35 -27.01 1.17 0.02
CA ASN A 35 -27.42 2.24 0.92
C ASN A 35 -28.34 1.76 2.04
N ALA A 36 -29.38 1.01 1.67
CA ALA A 36 -30.27 0.38 2.65
C ALA A 36 -29.50 -0.49 3.68
N ALA A 37 -28.50 -1.23 3.21
CA ALA A 37 -27.57 -1.96 4.10
C ALA A 37 -26.73 -1.04 4.98
N ILE A 38 -26.25 0.08 4.41
CA ILE A 38 -25.47 1.05 5.19
C ILE A 38 -26.31 1.70 6.28
N GLU A 39 -27.57 1.99 5.97
CA GLU A 39 -28.51 2.48 6.96
C GLU A 39 -28.75 1.44 8.06
N VAL A 40 -28.92 0.18 7.66
CA VAL A 40 -29.18 -0.91 8.62
C VAL A 40 -27.98 -1.18 9.55
N LEU A 41 -26.77 -1.09 9.01
CA LEU A 41 -25.57 -1.28 9.82
C LEU A 41 -25.44 -0.19 10.86
N ALA A 42 -25.62 1.06 10.42
CA ALA A 42 -25.50 2.23 11.30
C ALA A 42 -26.54 2.25 12.41
N ARG A 43 -27.74 1.75 12.09
CA ARG A 43 -28.86 1.77 13.04
C ARG A 43 -28.88 0.55 13.98
N GLU A 44 -28.53 -0.61 13.44
CA GLU A 44 -28.76 -1.86 14.16
C GLU A 44 -27.45 -2.58 14.53
N GLY A 45 -26.52 -2.63 13.59
CA GLY A 45 -25.23 -3.28 13.81
C GLY A 45 -24.97 -4.41 12.83
N ALA A 46 -23.79 -5.01 12.97
CA ALA A 46 -23.36 -6.11 12.11
C ALA A 46 -24.27 -7.35 12.23
N ARG A 47 -24.57 -7.77 13.47
CA ARG A 47 -25.50 -8.88 13.70
C ARG A 47 -26.93 -8.55 13.23
N GLY A 48 -27.32 -7.28 13.37
CA GLY A 48 -28.59 -6.79 12.88
C GLY A 48 -28.71 -6.86 11.37
N LEU A 49 -27.58 -6.74 10.67
CA LEU A 49 -27.61 -6.80 9.21
C LEU A 49 -27.99 -8.20 8.74
N THR A 50 -29.13 -8.26 8.07
CA THR A 50 -29.69 -9.49 7.54
C THR A 50 -30.50 -9.14 6.30
N PHE A 51 -30.79 -10.13 5.46
CA PHE A 51 -31.56 -9.94 4.24
C PHE A 51 -32.99 -9.48 4.51
N ARG A 52 -33.57 -10.00 5.60
CA ARG A 52 -34.89 -9.57 6.07
C ARG A 52 -34.91 -8.07 6.39
N ALA A 53 -33.95 -7.63 7.21
CA ALA A 53 -33.85 -6.22 7.60
C ALA A 53 -33.46 -5.29 6.45
N VAL A 54 -32.63 -5.76 5.53
CA VAL A 54 -32.27 -4.97 4.35
C VAL A 54 -33.50 -4.66 3.46
N ASP A 55 -34.36 -5.65 3.27
CA ASP A 55 -35.58 -5.48 2.46
C ASP A 55 -36.56 -4.48 3.06
N VAL A 56 -36.89 -4.66 4.34
CA VAL A 56 -37.70 -3.73 5.11
C VAL A 56 -37.19 -2.28 4.98
N GLU A 57 -35.88 -2.09 5.11
CA GLU A 57 -35.26 -0.76 4.96
C GLU A 57 -35.18 -0.30 3.50
N ALA A 58 -35.16 -1.26 2.59
CA ALA A 58 -34.91 -0.97 1.17
C ALA A 58 -36.09 -0.33 0.42
N ASN A 59 -35.74 0.32 -0.69
CA ASN A 59 -36.66 1.06 -1.54
C ASN A 59 -37.52 0.11 -2.38
N VAL A 60 -37.09 -1.15 -2.45
CA VAL A 60 -37.92 -2.26 -2.91
C VAL A 60 -37.94 -3.35 -1.80
N PRO A 61 -38.89 -3.23 -0.85
CA PRO A 61 -39.02 -4.08 0.34
C PRO A 61 -39.74 -5.42 0.17
N LYS A 62 -39.92 -5.89 -1.08
CA LYS A 62 -40.63 -7.15 -1.33
C LYS A 62 -39.91 -8.40 -0.78
N GLY A 63 -38.70 -8.70 -1.46
CA GLY A 63 -37.86 -9.83 -1.01
C GLY A 63 -36.63 -9.89 -1.90
N THR A 64 -36.18 -8.66 -2.28
CA THR A 64 -35.19 -8.42 -3.31
C THR A 64 -33.75 -8.82 -2.94
N ALA A 65 -33.38 -8.59 -1.68
CA ALA A 65 -31.97 -8.63 -1.26
C ALA A 65 -31.26 -9.96 -1.55
N SER A 66 -31.94 -11.07 -1.26
CA SER A 66 -31.39 -12.41 -1.42
C SER A 66 -31.14 -12.75 -2.88
N ASN A 67 -31.82 -12.02 -3.77
CA ASN A 67 -31.65 -12.16 -5.21
C ASN A 67 -30.49 -11.31 -5.77
N TYR A 68 -30.02 -10.35 -4.98
CA TYR A 68 -28.89 -9.51 -5.39
C TYR A 68 -27.57 -9.90 -4.76
N PHE A 69 -27.64 -10.69 -3.69
CA PHE A 69 -26.46 -11.09 -2.93
C PHE A 69 -26.53 -12.58 -2.61
N PRO A 70 -25.56 -13.35 -3.12
CA PRO A 70 -25.52 -14.81 -2.92
C PRO A 70 -25.47 -15.20 -1.44
N SER A 71 -24.82 -14.37 -0.64
CA SER A 71 -24.65 -14.65 0.77
C SER A 71 -24.58 -13.36 1.59
N ARG A 72 -24.94 -13.49 2.86
CA ARG A 72 -24.82 -12.41 3.83
C ARG A 72 -23.35 -12.00 3.88
N ASP A 73 -22.47 -12.98 3.68
CA ASP A 73 -21.03 -12.76 3.62
C ASP A 73 -20.66 -11.83 2.46
N ASP A 74 -21.38 -11.97 1.35
CA ASP A 74 -21.12 -11.16 0.16
C ASP A 74 -21.76 -9.79 0.24
N LEU A 75 -22.86 -9.68 1.00
CA LEU A 75 -23.49 -8.41 1.28
C LEU A 75 -22.48 -7.47 1.98
N PHE A 76 -21.93 -7.92 3.10
CA PHE A 76 -20.92 -7.16 3.86
C PHE A 76 -19.76 -6.70 2.97
N ASP A 77 -19.36 -7.58 2.06
CA ASP A 77 -18.31 -7.32 1.07
C ASP A 77 -18.61 -6.16 0.14
N GLN A 78 -19.83 -6.16 -0.41
CA GLN A 78 -20.29 -5.09 -1.29
C GLN A 78 -20.12 -3.73 -0.61
N VAL A 79 -20.76 -3.55 0.55
CA VAL A 79 -20.58 -2.34 1.37
C VAL A 79 -19.08 -2.11 1.72
N GLY A 80 -18.39 -3.19 2.10
CA GLY A 80 -16.93 -3.16 2.30
C GLY A 80 -16.12 -2.54 1.16
N LYS A 81 -16.55 -2.80 -0.08
CA LYS A 81 -15.92 -2.21 -1.27
C LYS A 81 -16.49 -0.83 -1.62
N ARG A 82 -17.70 -0.53 -1.13
CA ARG A 82 -18.44 0.65 -1.52
C ARG A 82 -18.39 1.81 -0.52
N ILE A 83 -18.05 1.49 0.74
CA ILE A 83 -18.32 2.36 1.90
C ILE A 83 -17.75 3.79 1.81
N HIS A 84 -16.54 3.89 1.27
CA HIS A 84 -15.82 5.15 1.11
C HIS A 84 -16.41 6.13 0.07
N GLU A 85 -17.48 5.71 -0.61
CA GLU A 85 -18.21 6.61 -1.50
C GLU A 85 -19.23 7.43 -0.70
N ARG A 86 -19.55 6.96 0.50
CA ARG A 86 -20.51 7.64 1.38
C ARG A 86 -19.83 8.44 2.50
N LEU A 87 -18.53 8.24 2.69
CA LEU A 87 -17.79 8.96 3.73
C LEU A 87 -16.92 10.07 3.12
N ASN A 103 -1.62 28.35 2.47
CA ASN A 103 -1.82 27.04 1.84
C ASN A 103 -1.84 25.92 2.89
N LEU A 104 -1.26 26.21 4.06
CA LEU A 104 -1.49 25.42 5.26
C LEU A 104 -2.83 25.86 5.84
N GLU A 105 -3.24 27.08 5.51
CA GLU A 105 -4.54 27.61 5.92
C GLU A 105 -5.66 26.82 5.28
N LEU A 106 -5.45 26.39 4.04
CA LEU A 106 -6.48 25.66 3.30
C LEU A 106 -6.61 24.23 3.77
N ALA A 107 -5.47 23.58 4.03
CA ALA A 107 -5.45 22.25 4.65
C ALA A 107 -6.23 22.28 5.96
N ILE A 108 -5.98 23.31 6.77
CA ILE A 108 -6.68 23.47 8.04
C ILE A 108 -8.19 23.65 7.80
N GLU A 109 -8.56 24.67 7.02
CA GLU A 109 -9.97 24.93 6.73
C GLU A 109 -10.67 23.68 6.21
N TYR A 110 -9.97 22.91 5.37
CA TYR A 110 -10.52 21.68 4.82
C TYR A 110 -10.86 20.67 5.91
N GLN A 112 -11.29 21.07 9.13
CA GLN A 112 -12.34 21.60 9.98
C GLN A 112 -13.71 21.45 9.34
N GLY A 113 -13.77 21.65 8.03
CA GLY A 113 -14.99 21.50 7.26
C GLY A 113 -15.36 20.04 7.07
N LEU A 114 -14.35 19.19 6.91
CA LEU A 114 -14.56 17.76 6.84
C LEU A 114 -15.10 17.19 8.17
N PHE A 115 -14.66 17.76 9.29
CA PHE A 115 -15.18 17.38 10.58
C PHE A 115 -16.55 17.99 10.84
N GLY A 116 -16.96 18.93 9.98
CA GLY A 116 -18.28 19.53 10.09
C GLY A 116 -19.30 18.67 9.39
N ARG A 117 -18.91 18.10 8.24
CA ARG A 117 -19.79 17.31 7.40
C ARG A 117 -20.10 15.97 8.07
N ILE A 118 -19.53 15.82 9.26
CA ILE A 118 -19.53 14.57 10.06
C ILE A 118 -20.94 14.15 10.49
N THR A 119 -21.71 15.12 10.97
CA THR A 119 -23.07 14.92 11.46
C THR A 119 -24.03 14.45 10.36
N ARG A 120 -23.80 14.90 9.12
CA ARG A 120 -24.62 14.42 8.00
C ARG A 120 -24.18 13.00 7.64
N ASP A 121 -22.88 12.83 7.43
CA ASP A 121 -22.31 11.53 7.11
C ASP A 121 -22.15 10.63 8.35
N ARG A 122 -22.87 11.00 9.43
CA ARG A 122 -23.01 10.21 10.66
C ARG A 122 -23.17 8.73 10.34
N THR A 123 -24.11 8.43 9.46
CA THR A 123 -24.50 7.09 9.08
C THR A 123 -23.40 6.29 8.39
N GLY A 124 -22.66 6.93 7.47
CA GLY A 124 -21.53 6.31 6.78
C GLY A 124 -20.34 5.98 7.67
N TYR A 125 -20.01 6.89 8.59
CA TYR A 125 -18.91 6.65 9.51
C TYR A 125 -19.28 5.60 10.55
N LEU A 126 -20.54 5.57 10.97
CA LEU A 126 -21.00 4.57 11.93
C LEU A 126 -21.07 3.15 11.35
N ALA A 127 -21.58 3.01 10.12
CA ALA A 127 -21.62 1.72 9.43
C ALA A 127 -20.19 1.24 9.19
N LEU A 128 -19.28 2.17 8.88
CA LEU A 128 -17.87 1.87 8.76
C LEU A 128 -17.33 1.25 10.03
N GLN A 129 -17.61 1.87 11.18
CA GLN A 129 -17.23 1.31 12.47
C GLN A 129 -17.77 -0.08 12.68
N GLU A 130 -19.07 -0.28 12.42
CA GLU A 130 -19.67 -1.62 12.48
C GLU A 130 -18.94 -2.62 11.54
N LEU A 131 -18.59 -2.18 10.35
CA LEU A 131 -17.82 -3.02 9.41
C LEU A 131 -16.44 -3.38 9.91
N ARG A 132 -15.73 -2.44 10.53
CA ARG A 132 -14.42 -2.70 11.15
C ARG A 132 -14.49 -3.83 12.16
N LEU A 133 -15.48 -3.75 13.04
CA LEU A 133 -15.65 -4.76 14.09
C LEU A 133 -16.04 -6.12 13.54
N GLU A 134 -16.90 -6.13 12.54
CA GLU A 134 -17.30 -7.36 11.89
C GLU A 134 -16.15 -7.99 11.11
N ALA A 135 -15.25 -7.15 10.60
CA ALA A 135 -14.08 -7.57 9.83
C ALA A 135 -13.19 -8.51 10.63
N VAL A 136 -13.09 -8.27 11.94
CA VAL A 136 -12.41 -9.18 12.87
C VAL A 136 -13.00 -10.60 12.81
N ARG A 137 -14.31 -10.72 12.59
CA ARG A 137 -15.00 -12.00 12.55
C ARG A 137 -15.15 -12.58 11.14
N ARG A 138 -15.12 -11.72 10.11
CA ARG A 138 -15.29 -12.19 8.72
C ARG A 138 -14.09 -11.83 7.84
N PRO A 139 -13.27 -12.86 7.50
CA PRO A 139 -11.99 -12.64 6.82
C PRO A 139 -12.16 -12.07 5.42
N GLU A 140 -13.26 -12.40 4.76
CA GLU A 140 -13.48 -11.92 3.40
C GLU A 140 -13.71 -10.40 3.42
N LEU A 141 -14.51 -9.95 4.39
CA LEU A 141 -14.72 -8.54 4.63
C LEU A 141 -13.42 -7.83 5.03
N ARG A 142 -12.62 -8.48 5.87
CA ARG A 142 -11.35 -7.93 6.30
C ARG A 142 -10.43 -7.66 5.11
N THR A 143 -10.37 -8.61 4.18
CA THR A 143 -9.56 -8.45 2.96
C THR A 143 -10.01 -7.25 2.14
N THR A 144 -11.31 -7.18 1.89
CA THR A 144 -11.95 -6.14 1.09
C THR A 144 -11.85 -4.74 1.72
N LEU A 145 -12.13 -4.65 3.01
CA LEU A 145 -12.06 -3.39 3.76
C LEU A 145 -10.59 -2.92 3.87
N THR A 146 -9.69 -3.86 4.14
CA THR A 146 -8.23 -3.56 4.10
C THR A 146 -7.80 -2.90 2.79
N ARG A 147 -8.16 -3.47 1.66
CA ARG A 147 -7.76 -2.90 0.34
C ARG A 147 -8.28 -1.50 0.15
N THR A 148 -9.59 -1.35 0.32
CA THR A 148 -10.25 -0.06 0.20
C THR A 148 -9.55 1.03 1.02
N ILE A 149 -9.39 0.78 2.31
CA ILE A 149 -8.78 1.76 3.22
C ILE A 149 -7.30 2.01 2.88
N SER A 150 -6.56 0.93 2.62
CA SER A 150 -5.16 1.02 2.17
C SER A 150 -4.94 1.87 0.93
N GLU A 151 -5.77 1.62 -0.07
CA GLU A 151 -5.64 2.30 -1.36
C GLU A 151 -6.02 3.76 -1.23
N ASN A 152 -7.11 4.02 -0.52
CA ASN A 152 -7.51 5.37 -0.19
C ASN A 152 -6.45 6.10 0.63
N LEU A 153 -5.86 5.45 1.61
CA LEU A 153 -4.76 6.05 2.37
C LEU A 153 -3.50 6.29 1.51
N LYS A 154 -3.17 5.33 0.63
CA LYS A 154 -2.06 5.50 -0.32
C LYS A 154 -2.27 6.75 -1.20
N ARG A 155 -3.50 6.93 -1.68
CA ARG A 155 -3.85 8.08 -2.50
C ARG A 155 -3.70 9.40 -1.76
N ASP A 156 -4.14 9.45 -0.51
CA ASP A 156 -3.97 10.67 0.29
C ASP A 156 -2.50 10.99 0.55
N ILE A 157 -1.68 9.97 0.75
CA ILE A 157 -0.25 10.18 0.95
C ILE A 157 0.35 10.74 -0.35
N GLY A 158 0.08 10.06 -1.47
CA GLY A 158 0.47 10.54 -2.80
C GLY A 158 0.00 11.94 -3.12
N PHE A 159 -1.28 12.24 -2.86
CA PHE A 159 -1.82 13.60 -3.02
C PHE A 159 -1.01 14.64 -2.22
N HIS A 160 -0.83 14.39 -0.93
CA HIS A 160 -0.06 15.28 -0.07
C HIS A 160 1.40 15.50 -0.52
N LEU A 161 2.09 14.42 -0.87
CA LEU A 161 3.45 14.54 -1.33
C LEU A 161 3.51 15.37 -2.63
N ASP A 162 2.55 15.15 -3.51
CA ASP A 162 2.43 15.88 -4.76
C ASP A 162 1.92 17.33 -4.60
N SER A 163 1.23 17.63 -3.50
CA SER A 163 0.57 18.93 -3.32
C SER A 163 1.50 20.12 -3.05
N GLY A 164 2.73 19.85 -2.62
CA GLY A 164 3.64 20.90 -2.17
C GLY A 164 3.45 21.32 -0.72
N LEU A 165 2.44 20.78 -0.04
CA LEU A 165 2.28 21.04 1.39
C LEU A 165 3.52 20.56 2.14
N PRO A 166 3.88 21.22 3.25
CA PRO A 166 4.96 20.62 4.04
C PRO A 166 4.46 19.32 4.66
N GLY A 167 5.38 18.41 5.00
CA GLY A 167 5.03 17.16 5.63
C GLY A 167 5.52 15.91 4.89
N ASP A 168 5.56 14.80 5.61
CA ASP A 168 6.04 13.54 5.09
C ASP A 168 4.91 12.49 5.20
N ARG A 169 5.25 11.19 5.19
CA ARG A 169 4.26 10.13 5.33
C ARG A 169 3.61 10.14 6.71
N SER A 170 4.42 10.37 7.75
CA SER A 170 3.96 10.45 9.14
C SER A 170 2.93 11.56 9.29
N THR A 171 3.11 12.67 8.56
CA THR A 171 2.15 13.77 8.54
C THR A 171 0.75 13.24 8.20
N VAL A 172 0.65 12.50 7.12
CA VAL A 172 -0.62 12.00 6.61
C VAL A 172 -1.20 10.88 7.46
N LEU A 173 -0.33 9.99 7.95
CA LEU A 173 -0.74 8.91 8.84
C LEU A 173 -1.29 9.46 10.16
N LEU A 175 -2.42 12.57 10.76
CA LEU A 175 -3.67 13.23 10.46
C LEU A 175 -4.80 12.24 10.18
N TYR A 176 -4.50 11.19 9.41
CA TYR A 176 -5.47 10.12 9.14
C TYR A 176 -5.99 9.51 10.45
N LEU A 177 -5.04 9.15 11.34
CA LEU A 177 -5.37 8.55 12.63
C LEU A 177 -6.13 9.48 13.59
N ALA A 178 -5.61 10.69 13.85
CA ALA A 178 -6.28 11.63 14.75
C ALA A 178 -7.68 12.00 14.29
N ASN A 180 -9.67 10.24 12.25
CA ASN A 180 -10.52 9.08 12.41
C ASN A 180 -11.09 8.96 13.82
N ALA A 181 -10.23 9.09 14.82
CA ALA A 181 -10.64 8.99 16.22
C ALA A 181 -11.48 10.18 16.67
N LEU A 182 -11.17 11.37 16.15
CA LEU A 182 -11.98 12.56 16.42
C LEU A 182 -13.42 12.38 15.98
N ILE A 183 -13.58 11.90 14.75
CA ILE A 183 -14.89 11.62 14.17
C ILE A 183 -15.67 10.57 14.97
N VAL A 184 -15.02 9.44 15.29
CA VAL A 184 -15.61 8.39 16.10
C VAL A 184 -16.03 8.87 17.51
N GLU A 185 -15.18 9.64 18.16
CA GLU A 185 -15.50 10.17 19.47
C GLU A 185 -16.74 11.05 19.42
N HIS A 186 -16.78 11.96 18.45
CA HIS A 186 -17.89 12.85 18.31
C HIS A 186 -19.16 12.09 18.05
N LEU A 187 -19.09 11.09 17.18
CA LEU A 187 -20.30 10.37 16.83
C LEU A 187 -20.77 9.46 17.95
N THR A 188 -19.85 8.93 18.75
CA THR A 188 -20.29 7.94 19.74
C THR A 188 -20.43 8.54 21.13
N LEU A 189 -19.40 9.24 21.58
CA LEU A 189 -19.48 9.90 22.87
C LEU A 189 -19.24 11.40 22.71
N PRO A 190 -20.20 12.13 22.10
CA PRO A 190 -19.96 13.57 21.94
C PRO A 190 -19.60 14.28 23.23
N GLY A 191 -20.08 13.79 24.37
CA GLY A 191 -19.82 14.44 25.65
C GLY A 191 -18.34 14.51 26.03
N VAL A 192 -17.51 13.67 25.40
CA VAL A 192 -16.10 13.59 25.78
C VAL A 192 -15.36 14.85 25.34
N LEU A 193 -15.76 15.39 24.19
CA LEU A 193 -15.11 16.51 23.58
C LEU A 193 -15.90 17.78 23.81
N GLU A 194 -16.94 17.69 24.61
CA GLU A 194 -17.76 18.83 24.92
C GLU A 194 -16.98 20.10 25.38
N GLY A 195 -16.01 19.95 26.26
CA GLY A 195 -15.21 21.11 26.68
C GLY A 195 -14.04 21.37 25.72
N VAL A 196 -14.04 20.70 24.57
CA VAL A 196 -12.95 20.83 23.61
C VAL A 196 -13.28 21.79 22.47
N ASP A 197 -12.36 22.72 22.26
CA ASP A 197 -12.33 23.61 21.11
C ASP A 197 -11.81 22.84 19.89
N THR A 198 -12.71 22.12 19.22
CA THR A 198 -12.38 21.19 18.16
C THR A 198 -11.83 21.84 16.88
N GLU A 199 -12.15 23.12 16.70
CA GLU A 199 -11.66 23.95 15.57
C GLU A 199 -10.18 24.28 15.76
N ARG A 200 -9.84 24.72 16.97
CA ARG A 200 -8.45 24.97 17.36
C ARG A 200 -7.67 23.66 17.44
N LEU A 201 -8.31 22.60 17.93
CA LEU A 201 -7.65 21.31 18.04
C LEU A 201 -7.17 20.87 16.64
N VAL A 202 -8.06 20.99 15.67
CA VAL A 202 -7.79 20.55 14.28
C VAL A 202 -6.69 21.38 13.61
N ALA A 203 -6.71 22.69 13.89
CA ALA A 203 -5.65 23.61 13.50
C ALA A 203 -4.30 23.26 14.13
N ASP A 204 -4.30 22.97 15.42
CA ASP A 204 -3.07 22.58 16.11
C ASP A 204 -2.49 21.27 15.56
N LEU A 205 -3.38 20.32 15.28
CA LEU A 205 -3.04 19.00 14.79
C LEU A 205 -2.41 19.04 13.39
N VAL A 206 -3.04 19.76 12.48
CA VAL A 206 -2.51 19.91 11.14
C VAL A 206 -1.16 20.65 11.20
N THR A 207 -1.12 21.73 11.97
CA THR A 207 0.08 22.57 12.10
C THR A 207 1.27 21.83 12.70
N ARG A 208 1.00 20.89 13.60
CA ARG A 208 2.08 20.10 14.21
C ARG A 208 2.47 18.94 13.33
N ALA A 209 1.49 18.37 12.64
CA ALA A 209 1.68 17.20 11.81
C ALA A 209 2.60 17.46 10.61
N VAL A 210 2.46 18.64 9.99
CA VAL A 210 3.26 18.99 8.81
C VAL A 210 4.74 19.20 9.14
N ALA A 211 5.02 19.54 10.41
CA ALA A 211 6.39 19.72 10.85
C ALA A 211 7.14 18.40 10.75
N THR A 212 8.44 18.48 10.45
CA THR A 212 9.26 17.29 10.27
C THR A 212 10.56 17.31 11.08
N PRO A 213 10.47 17.36 12.43
CA PRO A 213 11.70 17.28 13.24
C PRO A 213 12.33 15.88 13.19
N ASP A 214 13.54 15.74 13.72
CA ASP A 214 14.17 14.43 13.87
C ASP A 214 13.79 13.86 15.22
N ALA A 215 13.21 12.65 15.21
CA ALA A 215 12.56 12.08 16.40
C ALA A 215 13.56 11.43 17.38
N GLN B 25 -17.00 -12.85 47.71
CA GLN B 25 -18.02 -13.67 47.00
C GLN B 25 -19.08 -12.80 46.31
N ASN B 26 -19.15 -11.53 46.73
CA ASN B 26 -20.08 -10.57 46.15
C ASN B 26 -19.40 -9.63 45.12
N PRO B 27 -18.52 -8.72 45.57
CA PRO B 27 -17.83 -7.84 44.59
C PRO B 27 -16.82 -8.57 43.71
N GLU B 28 -16.15 -9.59 44.26
CA GLU B 28 -15.12 -10.32 43.52
C GLU B 28 -15.69 -11.20 42.41
N ARG B 29 -16.72 -11.99 42.74
CA ARG B 29 -17.37 -12.86 41.76
C ARG B 29 -18.10 -12.05 40.69
N ARG B 30 -18.47 -10.82 41.04
CA ARG B 30 -19.04 -9.86 40.09
C ARG B 30 -17.99 -9.44 39.05
N ALA B 31 -16.76 -9.23 39.51
CA ALA B 31 -15.64 -8.85 38.64
C ALA B 31 -15.34 -9.95 37.62
N ALA B 32 -15.46 -11.20 38.05
CA ALA B 32 -15.36 -12.37 37.17
C ALA B 32 -16.44 -12.32 36.10
N LEU B 33 -17.65 -11.94 36.48
CA LEU B 33 -18.78 -11.85 35.57
C LEU B 33 -18.65 -10.70 34.58
N VAL B 34 -18.07 -9.59 35.04
CA VAL B 34 -17.78 -8.44 34.20
C VAL B 34 -16.75 -8.86 33.14
N ASN B 35 -15.71 -9.57 33.57
CA ASN B 35 -14.73 -10.17 32.66
C ASN B 35 -15.38 -11.10 31.63
N ALA B 36 -16.22 -12.02 32.11
CA ALA B 36 -16.99 -12.89 31.22
C ALA B 36 -17.73 -12.08 30.15
N ALA B 37 -18.33 -10.95 30.56
CA ALA B 37 -19.01 -10.01 29.65
C ALA B 37 -18.07 -9.27 28.69
N ILE B 38 -16.89 -8.87 29.18
CA ILE B 38 -15.87 -8.25 28.32
C ILE B 38 -15.36 -9.23 27.26
N GLU B 39 -15.22 -10.50 27.64
CA GLU B 39 -14.88 -11.56 26.70
C GLU B 39 -15.99 -11.73 25.66
N VAL B 40 -17.24 -11.82 26.12
CA VAL B 40 -18.41 -12.00 25.24
C VAL B 40 -18.54 -10.85 24.22
N LEU B 41 -18.35 -9.61 24.71
CA LEU B 41 -18.45 -8.43 23.87
C LEU B 41 -17.38 -8.44 22.78
N ALA B 42 -16.15 -8.76 23.16
CA ALA B 42 -15.01 -8.77 22.22
C ALA B 42 -15.17 -9.86 21.15
N ARG B 43 -15.74 -10.99 21.55
CA ARG B 43 -15.94 -12.16 20.68
C ARG B 43 -17.18 -12.06 19.80
N GLU B 44 -18.28 -11.57 20.36
CA GLU B 44 -19.60 -11.66 19.70
C GLU B 44 -20.15 -10.31 19.28
N GLY B 45 -20.10 -9.35 20.20
CA GLY B 45 -20.61 -8.02 19.95
C GLY B 45 -21.63 -7.62 20.98
N ALA B 46 -22.18 -6.42 20.79
CA ALA B 46 -23.16 -5.83 21.72
C ALA B 46 -24.52 -6.53 21.70
N ARG B 47 -25.03 -6.83 20.50
CA ARG B 47 -26.25 -7.62 20.34
C ARG B 47 -26.07 -9.05 20.85
N GLY B 48 -24.87 -9.59 20.66
CA GLY B 48 -24.51 -10.90 21.18
C GLY B 48 -24.45 -10.98 22.70
N LEU B 49 -24.34 -9.83 23.37
CA LEU B 49 -24.28 -9.82 24.82
C LEU B 49 -25.66 -10.01 25.44
N THR B 50 -25.83 -11.17 26.06
CA THR B 50 -27.03 -11.49 26.80
C THR B 50 -26.62 -12.23 28.06
N PHE B 51 -27.51 -12.30 29.03
CA PHE B 51 -27.24 -13.00 30.29
C PHE B 51 -26.95 -14.48 30.08
N ARG B 52 -27.67 -15.07 29.12
CA ARG B 52 -27.45 -16.45 28.70
C ARG B 52 -26.02 -16.66 28.20
N ALA B 53 -25.58 -15.80 27.27
CA ALA B 53 -24.22 -15.87 26.73
C ALA B 53 -23.14 -15.59 27.78
N VAL B 54 -23.44 -14.75 28.76
CA VAL B 54 -22.51 -14.51 29.87
C VAL B 54 -22.25 -15.78 30.73
N ASP B 55 -23.32 -16.45 31.18
CA ASP B 55 -23.20 -17.66 32.01
C ASP B 55 -22.35 -18.76 31.35
N VAL B 56 -22.67 -19.07 30.10
CA VAL B 56 -21.90 -19.98 29.26
C VAL B 56 -20.40 -19.62 29.27
N GLU B 57 -20.09 -18.32 29.14
CA GLU B 57 -18.72 -17.83 29.18
C GLU B 57 -18.16 -17.72 30.61
N ALA B 58 -19.05 -17.67 31.59
CA ALA B 58 -18.68 -17.33 32.95
C ALA B 58 -17.98 -18.45 33.73
N ASN B 59 -17.28 -17.99 34.79
CA ASN B 59 -16.58 -18.85 35.73
C ASN B 59 -17.57 -19.64 36.59
N VAL B 60 -18.82 -19.19 36.57
CA VAL B 60 -19.95 -19.91 37.17
C VAL B 60 -21.12 -19.94 36.15
N PRO B 61 -21.11 -20.94 35.24
CA PRO B 61 -22.07 -21.08 34.13
C PRO B 61 -23.49 -21.56 34.43
N LYS B 62 -23.89 -21.58 35.72
CA LYS B 62 -25.21 -22.07 36.11
C LYS B 62 -26.36 -21.18 35.59
N GLY B 63 -26.48 -19.95 36.23
CA GLY B 63 -27.48 -18.97 35.81
C GLY B 63 -27.49 -17.80 36.90
N THR B 64 -26.11 -17.19 36.73
CA THR B 64 -25.66 -16.27 37.77
C THR B 64 -25.85 -14.80 37.39
N ALA B 65 -25.82 -14.53 36.08
CA ALA B 65 -25.73 -13.14 35.59
C ALA B 65 -26.97 -12.32 35.94
N SER B 66 -28.13 -12.96 35.82
CA SER B 66 -29.42 -12.31 35.99
C SER B 66 -29.66 -11.88 37.43
N ASN B 67 -29.03 -12.61 38.36
CA ASN B 67 -29.10 -12.32 39.79
C ASN B 67 -28.09 -11.28 40.23
N TYR B 68 -27.12 -10.97 39.37
CA TYR B 68 -26.12 -9.95 39.67
C TYR B 68 -26.41 -8.65 38.94
N PHE B 69 -27.25 -8.72 37.91
CA PHE B 69 -27.55 -7.57 37.08
C PHE B 69 -29.04 -7.51 36.81
N PRO B 70 -29.70 -6.46 37.35
CA PRO B 70 -31.15 -6.24 37.20
C PRO B 70 -31.62 -6.22 35.75
N SER B 71 -30.78 -5.68 34.87
CA SER B 71 -31.15 -5.52 33.48
C SER B 71 -29.93 -5.64 32.59
N ARG B 72 -30.18 -5.96 31.32
CA ARG B 72 -29.16 -5.97 30.30
C ARG B 72 -28.59 -4.55 30.17
N ASP B 73 -29.45 -3.57 30.42
CA ASP B 73 -29.03 -2.17 30.44
C ASP B 73 -27.99 -1.93 31.54
N ASP B 74 -28.21 -2.56 32.69
CA ASP B 74 -27.33 -2.40 33.84
C ASP B 74 -26.01 -3.18 33.72
N LEU B 75 -26.02 -4.28 32.98
CA LEU B 75 -24.80 -5.03 32.70
C LEU B 75 -23.80 -4.19 31.89
N PHE B 76 -24.26 -3.59 30.78
CA PHE B 76 -23.43 -2.74 29.93
C PHE B 76 -22.77 -1.60 30.72
N ASP B 77 -23.55 -1.02 31.63
CA ASP B 77 -23.09 0.06 32.52
C ASP B 77 -21.95 -0.32 33.44
N GLN B 78 -22.04 -1.53 34.02
CA GLN B 78 -21.02 -2.07 34.89
C GLN B 78 -19.68 -2.15 34.15
N VAL B 79 -19.68 -2.78 32.98
CA VAL B 79 -18.50 -2.78 32.10
C VAL B 79 -18.13 -1.36 31.63
N GLY B 80 -19.15 -0.55 31.31
CA GLY B 80 -18.96 0.87 30.98
C GLY B 80 -18.18 1.68 32.02
N LYS B 81 -18.40 1.37 33.31
CA LYS B 81 -17.67 2.03 34.41
C LYS B 81 -16.37 1.30 34.76
N ARG B 82 -16.26 0.05 34.33
CA ARG B 82 -15.15 -0.82 34.73
C ARG B 82 -14.07 -0.97 33.65
N ILE B 83 -14.42 -0.63 32.41
CA ILE B 83 -13.70 -1.06 31.21
C ILE B 83 -12.20 -0.71 31.17
N HIS B 84 -11.91 0.52 31.58
CA HIS B 84 -10.56 1.08 31.61
C HIS B 84 -9.59 0.40 32.59
N GLU B 85 -10.13 -0.41 33.49
CA GLU B 85 -9.32 -1.20 34.41
C GLU B 85 -8.66 -2.38 33.69
N ARG B 86 -9.28 -2.85 32.60
CA ARG B 86 -8.74 -3.94 31.79
C ARG B 86 -7.87 -3.47 30.62
N LEU B 87 -8.10 -2.24 30.15
CA LEU B 87 -7.35 -1.71 28.99
C LEU B 87 -6.11 -0.92 29.40
N ASN B 103 13.74 12.89 28.48
CA ASN B 103 12.40 12.85 29.07
C ASN B 103 11.31 12.73 28.02
N LEU B 104 11.58 13.28 26.83
CA LEU B 104 10.77 13.02 25.64
C LEU B 104 11.06 11.60 25.14
N GLU B 105 12.28 11.15 25.37
CA GLU B 105 12.70 9.79 25.04
C GLU B 105 11.84 8.77 25.77
N LEU B 106 11.49 9.08 27.02
CA LEU B 106 10.71 8.19 27.86
C LEU B 106 9.25 8.15 27.41
N ALA B 107 8.65 9.31 27.22
CA ALA B 107 7.30 9.44 26.68
C ALA B 107 7.14 8.65 25.38
N ILE B 108 8.10 8.82 24.46
CA ILE B 108 8.11 8.07 23.21
C ILE B 108 8.15 6.57 23.49
N GLU B 109 9.13 6.15 24.27
CA GLU B 109 9.33 4.74 24.60
C GLU B 109 8.07 4.10 25.20
N TYR B 110 7.39 4.85 26.04
CA TYR B 110 6.19 4.38 26.71
C TYR B 110 5.07 4.11 25.73
N GLN B 112 5.23 3.55 22.51
CA GLN B 112 5.58 2.40 21.67
C GLN B 112 5.35 1.10 22.42
N GLY B 113 5.71 1.07 23.71
CA GLY B 113 5.48 -0.07 24.57
C GLY B 113 4.00 -0.34 24.76
N LEU B 114 3.24 0.72 25.01
CA LEU B 114 1.78 0.63 25.17
C LEU B 114 1.08 0.10 23.91
N PHE B 115 1.66 0.37 22.73
CA PHE B 115 1.13 -0.14 21.48
C PHE B 115 1.59 -1.59 21.23
N GLY B 116 2.43 -2.11 22.13
CA GLY B 116 2.76 -3.54 22.13
C GLY B 116 1.80 -4.29 23.04
N ARG B 117 1.48 -3.69 24.19
CA ARG B 117 0.57 -4.30 25.15
C ARG B 117 -0.84 -4.41 24.57
N ILE B 118 -0.92 -4.05 23.28
CA ILE B 118 -2.15 -3.94 22.50
C ILE B 118 -2.76 -5.31 22.20
N THR B 119 -1.93 -6.20 21.66
CA THR B 119 -2.33 -7.55 21.28
C THR B 119 -2.72 -8.41 22.49
N ARG B 120 -2.06 -8.20 23.63
CA ARG B 120 -2.44 -8.93 24.84
C ARG B 120 -3.82 -8.49 25.28
N ASP B 121 -4.01 -7.17 25.38
CA ASP B 121 -5.29 -6.64 25.81
C ASP B 121 -6.16 -6.29 24.59
N ARG B 122 -5.97 -7.07 23.51
CA ARG B 122 -6.84 -7.09 22.32
C ARG B 122 -8.32 -7.05 22.72
N THR B 123 -8.67 -7.91 23.66
CA THR B 123 -10.04 -8.15 24.07
C THR B 123 -10.68 -6.95 24.77
N GLY B 124 -9.93 -6.27 25.63
CA GLY B 124 -10.39 -5.06 26.29
C GLY B 124 -10.65 -3.89 25.35
N TYR B 125 -9.75 -3.68 24.39
CA TYR B 125 -9.91 -2.61 23.42
C TYR B 125 -11.05 -2.90 22.46
N LEU B 126 -11.25 -4.17 22.11
CA LEU B 126 -12.34 -4.55 21.22
C LEU B 126 -13.72 -4.45 21.90
N ALA B 127 -13.81 -4.91 23.16
CA ALA B 127 -15.02 -4.73 23.95
C ALA B 127 -15.34 -3.24 24.06
N LEU B 128 -14.31 -2.42 24.28
CA LEU B 128 -14.48 -0.97 24.31
C LEU B 128 -15.13 -0.43 23.04
N GLN B 129 -14.62 -0.87 21.89
CA GLN B 129 -15.20 -0.48 20.61
C GLN B 129 -16.65 -0.86 20.53
N GLU B 130 -16.97 -2.10 20.89
CA GLU B 130 -18.36 -2.57 20.94
C GLU B 130 -19.22 -1.72 21.88
N LEU B 131 -18.65 -1.30 23.02
CA LEU B 131 -19.34 -0.41 23.95
C LEU B 131 -19.62 0.96 23.38
N ARG B 132 -18.64 1.55 22.68
CA ARG B 132 -18.84 2.84 22.00
C ARG B 132 -20.03 2.81 21.05
N LEU B 133 -20.10 1.78 20.20
CA LEU B 133 -21.18 1.68 19.21
C LEU B 133 -22.51 1.44 19.88
N GLU B 134 -22.49 0.65 20.95
CA GLU B 134 -23.70 0.41 21.69
C GLU B 134 -24.18 1.68 22.40
N ALA B 135 -23.23 2.54 22.77
CA ALA B 135 -23.51 3.79 23.48
C ALA B 135 -24.42 4.73 22.69
N VAL B 136 -24.26 4.73 21.36
CA VAL B 136 -25.19 5.42 20.46
C VAL B 136 -26.65 5.00 20.71
N ARG B 137 -26.87 3.71 20.98
CA ARG B 137 -28.21 3.13 21.15
C ARG B 137 -28.73 3.15 22.58
N ARG B 138 -27.85 3.23 23.57
CA ARG B 138 -28.25 3.21 24.99
C ARG B 138 -27.68 4.40 25.76
N PRO B 139 -28.55 5.37 26.12
CA PRO B 139 -28.07 6.63 26.70
C PRO B 139 -27.46 6.43 28.07
N GLU B 140 -27.90 5.40 28.78
CA GLU B 140 -27.38 5.12 30.11
C GLU B 140 -25.92 4.70 30.02
N LEU B 141 -25.61 3.81 29.09
CA LEU B 141 -24.24 3.44 28.77
C LEU B 141 -23.42 4.65 28.30
N ARG B 142 -24.04 5.46 27.43
CA ARG B 142 -23.39 6.65 26.90
C ARG B 142 -22.94 7.60 28.02
N THR B 143 -23.82 7.83 29.00
CA THR B 143 -23.50 8.68 30.15
C THR B 143 -22.32 8.14 30.93
N THR B 144 -22.35 6.84 31.20
CA THR B 144 -21.36 6.13 32.00
C THR B 144 -19.98 6.05 31.32
N LEU B 145 -19.96 5.69 30.05
CA LEU B 145 -18.74 5.59 29.25
C LEU B 145 -18.14 7.00 29.03
N THR B 146 -19.01 7.98 28.75
CA THR B 146 -18.58 9.40 28.69
C THR B 146 -17.85 9.83 29.96
N ARG B 147 -18.41 9.56 31.12
CA ARG B 147 -17.75 9.96 32.40
C ARG B 147 -16.38 9.31 32.53
N THR B 148 -16.34 8.00 32.36
CA THR B 148 -15.12 7.22 32.51
C THR B 148 -14.01 7.72 31.58
N ILE B 149 -14.35 7.92 30.31
CA ILE B 149 -13.38 8.37 29.31
C ILE B 149 -12.95 9.82 29.57
N SER B 150 -13.91 10.70 29.82
CA SER B 150 -13.62 12.11 30.17
C SER B 150 -12.68 12.29 31.35
N GLU B 151 -12.96 11.54 32.41
CA GLU B 151 -12.21 11.68 33.65
C GLU B 151 -10.80 11.14 33.46
N ASN B 152 -10.69 9.98 32.83
CA ASN B 152 -9.39 9.42 32.51
C ASN B 152 -8.60 10.35 31.60
N LEU B 153 -9.25 10.92 30.59
CA LEU B 153 -8.58 11.90 29.73
C LEU B 153 -8.16 13.16 30.49
N LYS B 154 -9.03 13.66 31.36
CA LYS B 154 -8.69 14.79 32.25
C LYS B 154 -7.43 14.51 33.11
N ARG B 155 -7.37 13.33 33.71
CA ARG B 155 -6.19 12.90 34.46
C ARG B 155 -4.92 12.89 33.63
N ASP B 156 -4.98 12.36 32.39
CA ASP B 156 -3.81 12.37 31.52
C ASP B 156 -3.37 13.78 31.13
N ILE B 157 -4.33 14.67 30.92
CA ILE B 157 -3.99 16.06 30.64
C ILE B 157 -3.29 16.64 31.87
N GLY B 158 -3.89 16.43 33.04
CA GLY B 158 -3.29 16.85 34.32
C GLY B 158 -1.90 16.31 34.59
N PHE B 159 -1.73 15.01 34.39
CA PHE B 159 -0.42 14.34 34.49
C PHE B 159 0.63 14.97 33.56
N HIS B 160 0.32 15.12 32.30
CA HIS B 160 1.23 15.75 31.34
C HIS B 160 1.62 17.19 31.72
N LEU B 161 0.64 18.00 32.09
CA LEU B 161 0.92 19.37 32.48
C LEU B 161 1.82 19.43 33.71
N ASP B 162 1.57 18.53 34.68
CA ASP B 162 2.39 18.39 35.87
C ASP B 162 3.78 17.78 35.64
N SER B 163 3.92 16.96 34.60
CA SER B 163 5.14 16.18 34.37
C SER B 163 6.39 16.98 33.96
N GLY B 164 6.19 18.21 33.48
CA GLY B 164 7.30 18.99 32.96
C GLY B 164 7.69 18.63 31.53
N LEU B 165 6.90 17.75 30.89
CA LEU B 165 7.09 17.46 29.47
C LEU B 165 6.69 18.71 28.69
N PRO B 166 7.28 18.92 27.50
CA PRO B 166 6.75 20.04 26.72
C PRO B 166 5.36 19.65 26.19
N GLY B 167 4.54 20.64 25.84
CA GLY B 167 3.21 20.39 25.30
C GLY B 167 2.08 21.03 26.07
N ASP B 168 0.93 21.13 25.41
CA ASP B 168 -0.26 21.78 25.96
C ASP B 168 -1.42 20.76 25.99
N ARG B 169 -2.68 21.23 26.02
CA ARG B 169 -3.84 20.34 25.99
C ARG B 169 -3.94 19.61 24.65
N SER B 170 -3.71 20.36 23.55
CA SER B 170 -3.71 19.81 22.19
C SER B 170 -2.75 18.64 22.05
N THR B 171 -1.57 18.74 22.67
CA THR B 171 -0.58 17.66 22.72
C THR B 171 -1.23 16.35 23.18
N VAL B 172 -1.88 16.40 24.34
CA VAL B 172 -2.46 15.21 24.94
C VAL B 172 -3.71 14.74 24.19
N LEU B 173 -4.51 15.69 23.72
CA LEU B 173 -5.69 15.39 22.92
C LEU B 173 -5.32 14.71 21.60
N LEU B 175 -2.38 13.13 20.84
CA LEU B 175 -1.81 11.83 21.19
C LEU B 175 -2.90 10.82 21.56
N TYR B 176 -3.87 11.24 22.39
CA TYR B 176 -5.03 10.43 22.76
C TYR B 176 -5.78 9.89 21.52
N LEU B 177 -6.07 10.81 20.58
CA LEU B 177 -6.78 10.49 19.35
C LEU B 177 -5.97 9.62 18.37
N ALA B 178 -4.74 10.02 18.04
CA ALA B 178 -3.91 9.22 17.14
C ALA B 178 -3.66 7.82 17.69
N ASN B 180 -5.54 6.15 19.91
CA ASN B 180 -6.77 5.39 19.88
C ASN B 180 -7.01 4.75 18.51
N ALA B 181 -6.86 5.55 17.45
CA ALA B 181 -7.10 5.09 16.08
C ALA B 181 -6.05 4.07 15.64
N LEU B 182 -4.80 4.30 16.04
CA LEU B 182 -3.71 3.37 15.75
C LEU B 182 -3.99 1.97 16.31
N ILE B 183 -4.37 1.92 17.58
CA ILE B 183 -4.79 0.69 18.24
C ILE B 183 -5.98 -0.01 17.53
N VAL B 184 -7.02 0.75 17.22
CA VAL B 184 -8.19 0.20 16.53
C VAL B 184 -7.84 -0.35 15.13
N GLU B 185 -7.02 0.37 14.38
CA GLU B 185 -6.66 -0.07 13.06
C GLU B 185 -5.91 -1.41 13.13
N HIS B 186 -4.91 -1.47 14.01
CA HIS B 186 -4.16 -2.67 14.19
C HIS B 186 -5.05 -3.84 14.58
N LEU B 187 -5.97 -3.62 15.51
CA LEU B 187 -6.79 -4.72 15.97
C LEU B 187 -7.82 -5.16 14.94
N THR B 188 -8.25 -4.27 14.07
CA THR B 188 -9.34 -4.61 13.16
C THR B 188 -8.85 -4.90 11.77
N LEU B 189 -8.06 -3.98 11.20
CA LEU B 189 -7.52 -4.18 9.88
C LEU B 189 -6.00 -4.08 9.92
N PRO B 190 -5.31 -5.06 10.55
CA PRO B 190 -3.86 -5.03 10.65
C PRO B 190 -3.16 -4.80 9.33
N GLY B 191 -3.75 -5.29 8.24
CA GLY B 191 -3.17 -5.13 6.90
C GLY B 191 -2.99 -3.68 6.44
N VAL B 192 -3.70 -2.74 7.07
CA VAL B 192 -3.66 -1.36 6.63
C VAL B 192 -2.30 -0.73 6.97
N LEU B 193 -1.74 -1.16 8.09
CA LEU B 193 -0.53 -0.61 8.65
C LEU B 193 0.66 -1.49 8.38
N GLU B 194 0.45 -2.53 7.59
CA GLU B 194 1.47 -3.51 7.31
C GLU B 194 2.80 -2.92 6.76
N GLY B 195 2.73 -1.99 5.83
CA GLY B 195 3.93 -1.33 5.31
C GLY B 195 4.33 -0.11 6.13
N VAL B 196 3.67 0.09 7.27
CA VAL B 196 3.96 1.20 8.17
C VAL B 196 4.93 0.80 9.28
N ASP B 197 5.95 1.62 9.41
CA ASP B 197 6.95 1.56 10.48
C ASP B 197 6.35 2.21 11.75
N THR B 198 5.59 1.41 12.51
CA THR B 198 4.79 1.92 13.63
C THR B 198 5.59 2.47 14.83
N GLU B 199 6.81 1.99 15.02
CA GLU B 199 7.74 2.50 16.03
C GLU B 199 8.17 3.94 15.69
N ARG B 200 8.58 4.15 14.44
CA ARG B 200 8.95 5.47 13.95
C ARG B 200 7.74 6.41 13.91
N LEU B 201 6.57 5.87 13.57
CA LEU B 201 5.38 6.67 13.46
C LEU B 201 5.07 7.22 14.84
N VAL B 202 5.12 6.35 15.85
CA VAL B 202 4.79 6.74 17.24
C VAL B 202 5.78 7.77 17.81
N ALA B 203 7.06 7.58 17.49
CA ALA B 203 8.12 8.57 17.79
C ALA B 203 7.86 9.89 17.09
N ASP B 204 7.47 9.86 15.82
CA ASP B 204 7.15 11.06 15.06
C ASP B 204 5.92 11.79 15.64
N LEU B 205 4.93 11.02 16.06
CA LEU B 205 3.67 11.51 16.64
C LEU B 205 3.87 12.25 17.97
N VAL B 206 4.63 11.64 18.87
CA VAL B 206 4.92 12.24 20.15
C VAL B 206 5.79 13.50 19.96
N THR B 207 6.84 13.38 19.15
CA THR B 207 7.76 14.50 18.88
C THR B 207 7.07 15.72 18.28
N ARG B 208 6.12 15.50 17.36
CA ARG B 208 5.39 16.62 16.75
C ARG B 208 4.32 17.19 17.67
N ALA B 209 3.71 16.32 18.46
CA ALA B 209 2.58 16.69 19.30
C ALA B 209 2.98 17.63 20.43
N VAL B 210 4.18 17.43 20.98
CA VAL B 210 4.68 18.20 22.11
C VAL B 210 5.10 19.61 21.70
N ALA B 211 5.30 19.83 20.40
CA ALA B 211 5.64 21.15 19.90
C ALA B 211 4.42 22.05 20.02
N THR B 212 4.66 23.34 20.21
CA THR B 212 3.57 24.28 20.50
C THR B 212 3.62 25.52 19.61
N PRO B 213 3.59 25.35 18.28
CA PRO B 213 3.62 26.56 17.44
C PRO B 213 2.27 27.26 17.45
N ASP B 214 2.20 28.51 16.98
CA ASP B 214 0.93 29.21 16.82
C ASP B 214 0.29 28.75 15.52
N ALA B 215 -0.95 28.29 15.61
CA ALA B 215 -1.66 27.66 14.49
C ALA B 215 -2.36 28.71 13.61
N GLN C 25 21.56 16.01 -44.99
CA GLN C 25 20.32 15.43 -45.57
C GLN C 25 20.23 13.93 -45.36
N ASN C 26 21.31 13.36 -44.82
CA ASN C 26 21.40 11.92 -44.60
C ASN C 26 21.83 11.48 -43.20
N PRO C 27 22.76 12.21 -42.55
CA PRO C 27 23.05 11.86 -41.15
C PRO C 27 22.01 12.39 -40.17
N GLU C 28 21.25 13.40 -40.60
CA GLU C 28 20.23 14.02 -39.75
C GLU C 28 18.82 13.52 -40.07
N ARG C 29 18.53 13.30 -41.36
CA ARG C 29 17.18 12.84 -41.77
C ARG C 29 16.98 11.34 -41.52
N ARG C 30 18.10 10.64 -41.31
CA ARG C 30 18.08 9.27 -40.84
C ARG C 30 17.78 9.28 -39.34
N ALA C 31 18.60 10.06 -38.61
CA ALA C 31 18.45 10.23 -37.16
C ALA C 31 17.10 10.85 -36.75
N ALA C 32 16.26 11.13 -37.74
CA ALA C 32 14.90 11.59 -37.49
C ALA C 32 13.89 10.49 -37.85
N LEU C 33 14.36 9.47 -38.56
CA LEU C 33 13.58 8.26 -38.80
C LEU C 33 13.72 7.36 -37.57
N VAL C 34 14.87 7.49 -36.91
CA VAL C 34 15.14 6.82 -35.65
C VAL C 34 14.10 7.23 -34.62
N ASN C 35 13.89 8.53 -34.47
CA ASN C 35 12.96 9.06 -33.49
C ASN C 35 11.53 8.65 -33.81
N ALA C 36 11.23 8.51 -35.10
CA ALA C 36 9.99 7.85 -35.51
C ALA C 36 9.94 6.40 -35.04
N ALA C 37 11.08 5.71 -35.07
CA ALA C 37 11.21 4.35 -34.55
C ALA C 37 11.16 4.32 -33.01
N ILE C 38 11.94 5.18 -32.35
CA ILE C 38 11.88 5.35 -30.89
C ILE C 38 10.44 5.63 -30.41
N GLU C 39 9.76 6.57 -31.05
CA GLU C 39 8.34 6.80 -30.79
C GLU C 39 7.51 5.55 -31.05
N VAL C 40 7.77 4.86 -32.16
CA VAL C 40 7.00 3.64 -32.48
C VAL C 40 7.24 2.51 -31.48
N LEU C 41 8.49 2.38 -31.02
CA LEU C 41 8.85 1.39 -30.02
C LEU C 41 8.09 1.63 -28.73
N ALA C 42 8.15 2.87 -28.24
CA ALA C 42 7.49 3.28 -27.00
C ALA C 42 5.97 3.12 -27.04
N ARG C 43 5.38 3.38 -28.22
CA ARG C 43 3.91 3.32 -28.38
C ARG C 43 3.38 1.92 -28.67
N GLU C 44 4.07 1.18 -29.54
CA GLU C 44 3.55 -0.10 -30.02
C GLU C 44 4.35 -1.30 -29.51
N GLY C 45 5.68 -1.14 -29.45
CA GLY C 45 6.55 -2.21 -28.99
C GLY C 45 7.50 -2.70 -30.08
N ALA C 46 8.30 -3.70 -29.71
CA ALA C 46 9.32 -4.26 -30.59
C ALA C 46 8.73 -5.00 -31.78
N ARG C 47 7.73 -5.86 -31.51
CA ARG C 47 7.00 -6.56 -32.57
C ARG C 47 6.24 -5.60 -33.49
N GLY C 48 5.77 -4.49 -32.91
CA GLY C 48 5.10 -3.44 -33.68
C GLY C 48 6.04 -2.63 -34.55
N LEU C 49 7.34 -2.70 -34.26
CA LEU C 49 8.32 -1.98 -35.07
C LEU C 49 8.55 -2.70 -36.40
N THR C 50 7.95 -2.12 -37.44
CA THR C 50 8.04 -2.62 -38.80
C THR C 50 8.41 -1.43 -39.67
N PHE C 51 8.90 -1.68 -40.88
CA PHE C 51 9.27 -0.63 -41.81
C PHE C 51 8.08 0.24 -42.23
N ARG C 52 6.93 -0.40 -42.45
CA ARG C 52 5.69 0.28 -42.84
C ARG C 52 5.25 1.31 -41.78
N ALA C 53 5.08 0.84 -40.54
CA ALA C 53 4.65 1.69 -39.42
C ALA C 53 5.66 2.77 -39.02
N VAL C 54 6.93 2.57 -39.37
CA VAL C 54 7.94 3.61 -39.18
C VAL C 54 7.72 4.80 -40.11
N ASP C 55 7.23 4.51 -41.33
CA ASP C 55 6.90 5.56 -42.31
C ASP C 55 5.69 6.38 -41.87
N VAL C 56 4.59 5.68 -41.54
CA VAL C 56 3.41 6.28 -40.95
C VAL C 56 3.78 7.35 -39.90
N GLU C 57 4.65 6.99 -38.96
CA GLU C 57 5.10 7.89 -37.89
C GLU C 57 6.17 8.91 -38.35
N ALA C 58 6.80 8.64 -39.48
CA ALA C 58 7.97 9.43 -39.93
C ALA C 58 7.68 10.87 -40.37
N ASN C 59 8.72 11.71 -40.26
CA ASN C 59 8.71 13.09 -40.70
C ASN C 59 8.74 13.21 -42.23
N VAL C 60 8.90 12.05 -42.88
CA VAL C 60 8.68 11.90 -44.32
C VAL C 60 7.98 10.54 -44.54
N PRO C 61 6.64 10.51 -44.33
CA PRO C 61 5.80 9.30 -44.31
C PRO C 61 5.46 8.65 -45.65
N LYS C 62 6.43 8.55 -46.56
CA LYS C 62 6.18 7.93 -47.88
C LYS C 62 6.38 6.40 -47.89
N GLY C 63 7.62 5.98 -48.10
CA GLY C 63 8.01 4.56 -48.11
C GLY C 63 9.50 4.53 -47.85
N THR C 64 9.96 5.57 -47.16
CA THR C 64 11.34 5.98 -47.05
C THR C 64 12.25 5.07 -46.23
N ALA C 65 11.74 4.54 -45.11
CA ALA C 65 12.55 3.85 -44.09
C ALA C 65 13.41 2.72 -44.66
N SER C 66 12.78 1.87 -45.47
CA SER C 66 13.41 0.71 -46.10
C SER C 66 14.70 1.05 -46.87
N ASN C 67 14.88 2.33 -47.20
CA ASN C 67 16.01 2.80 -47.99
C ASN C 67 17.05 3.55 -47.16
N TYR C 68 16.89 3.53 -45.84
CA TYR C 68 17.89 4.06 -44.91
C TYR C 68 18.42 2.95 -44.02
N PHE C 69 17.69 1.83 -43.98
CA PHE C 69 18.06 0.68 -43.16
C PHE C 69 17.87 -0.62 -43.94
N PRO C 70 18.99 -1.31 -44.25
CA PRO C 70 19.05 -2.60 -44.94
C PRO C 70 18.00 -3.62 -44.46
N SER C 71 17.85 -3.76 -43.15
CA SER C 71 16.89 -4.70 -42.58
C SER C 71 16.34 -4.18 -41.26
N ARG C 72 15.27 -4.84 -40.82
CA ARG C 72 14.67 -4.60 -39.52
C ARG C 72 15.73 -4.83 -38.44
N ASP C 73 16.57 -5.85 -38.65
CA ASP C 73 17.69 -6.17 -37.78
C ASP C 73 18.66 -4.99 -37.65
N ASP C 74 18.91 -4.32 -38.77
CA ASP C 74 19.79 -3.16 -38.78
C ASP C 74 19.10 -1.90 -38.21
N LEU C 75 17.78 -1.84 -38.34
CA LEU C 75 16.99 -0.75 -37.75
C LEU C 75 17.15 -0.71 -36.20
N PHE C 76 16.79 -1.82 -35.55
CA PHE C 76 16.89 -1.94 -34.07
C PHE C 76 18.26 -1.56 -33.57
N ASP C 77 19.27 -1.97 -34.32
CA ASP C 77 20.68 -1.72 -34.01
C ASP C 77 21.08 -0.26 -34.06
N GLN C 78 20.48 0.48 -35.01
CA GLN C 78 20.69 1.92 -35.11
C GLN C 78 20.24 2.58 -33.80
N VAL C 79 18.98 2.35 -33.42
CA VAL C 79 18.43 2.80 -32.13
C VAL C 79 19.25 2.26 -30.94
N GLY C 80 19.61 0.97 -31.00
CA GLY C 80 20.49 0.33 -30.03
C GLY C 80 21.78 1.09 -29.73
N LYS C 81 22.37 1.68 -30.77
CA LYS C 81 23.61 2.46 -30.61
C LYS C 81 23.32 3.93 -30.25
N ARG C 82 22.12 4.38 -30.58
CA ARG C 82 21.74 5.79 -30.48
C ARG C 82 21.02 6.17 -29.17
N ILE C 83 20.52 5.16 -28.45
CA ILE C 83 19.42 5.32 -27.47
C ILE C 83 19.69 6.26 -26.30
N HIS C 84 20.90 6.18 -25.76
CA HIS C 84 21.33 6.95 -24.59
C HIS C 84 21.50 8.46 -24.87
N GLU C 85 21.18 8.86 -26.09
CA GLU C 85 21.16 10.27 -26.47
C GLU C 85 19.83 10.91 -26.10
N ARG C 86 18.78 10.10 -26.06
CA ARG C 86 17.44 10.57 -25.68
C ARG C 86 17.12 10.33 -24.19
N LEU C 87 18.10 9.82 -23.45
CA LEU C 87 17.93 9.61 -22.01
C LEU C 87 18.76 10.59 -21.20
N ASN C 103 28.97 18.20 -1.30
CA ASN C 103 28.94 17.67 -2.67
C ASN C 103 28.07 16.42 -2.77
N LEU C 104 27.83 15.78 -1.63
CA LEU C 104 26.79 14.77 -1.50
C LEU C 104 25.43 15.41 -1.73
N GLU C 105 25.26 16.64 -1.23
CA GLU C 105 24.04 17.41 -1.46
C GLU C 105 23.80 17.56 -2.96
N LEU C 106 24.87 17.65 -3.74
CA LEU C 106 24.74 17.88 -5.17
C LEU C 106 24.37 16.62 -5.94
N ALA C 107 25.04 15.51 -5.61
CA ALA C 107 24.69 14.19 -6.14
C ALA C 107 23.21 13.89 -5.91
N ILE C 108 22.77 14.06 -4.67
CA ILE C 108 21.37 13.85 -4.29
C ILE C 108 20.40 14.67 -5.15
N GLU C 109 20.63 15.98 -5.18
CA GLU C 109 19.77 16.90 -5.90
C GLU C 109 19.73 16.59 -7.40
N TYR C 110 20.85 16.14 -7.95
CA TYR C 110 20.90 15.75 -9.34
C TYR C 110 20.04 14.52 -9.61
N GLN C 112 17.50 13.35 -7.95
CA GLN C 112 16.09 13.73 -7.82
C GLN C 112 15.60 14.49 -9.05
N GLY C 113 16.47 15.33 -9.59
CA GLY C 113 16.17 16.13 -10.76
C GLY C 113 16.07 15.24 -11.98
N LEU C 114 17.06 14.36 -12.13
CA LEU C 114 17.04 13.33 -13.16
C LEU C 114 15.73 12.52 -13.15
N PHE C 115 15.25 12.14 -11.97
CA PHE C 115 14.02 11.39 -11.84
C PHE C 115 12.79 12.27 -12.08
N GLY C 116 12.95 13.58 -11.91
CA GLY C 116 11.90 14.54 -12.29
C GLY C 116 11.79 14.67 -13.80
N ARG C 117 12.94 14.67 -14.50
CA ARG C 117 13.00 14.80 -15.95
C ARG C 117 12.47 13.55 -16.65
N ILE C 118 11.67 12.76 -15.93
CA ILE C 118 11.33 11.38 -16.28
C ILE C 118 10.14 11.28 -17.23
N THR C 119 9.11 12.08 -16.94
CA THR C 119 7.84 12.07 -17.66
C THR C 119 7.97 12.70 -19.05
N ARG C 120 8.89 13.65 -19.20
CA ARG C 120 9.15 14.21 -20.52
C ARG C 120 9.87 13.14 -21.34
N ASP C 121 10.97 12.62 -20.81
CA ASP C 121 11.73 11.58 -21.49
C ASP C 121 11.14 10.18 -21.27
N ARG C 122 9.84 10.15 -20.94
CA ARG C 122 9.03 8.93 -20.84
C ARG C 122 9.32 7.97 -22.00
N THR C 123 9.30 8.51 -23.21
CA THR C 123 9.36 7.76 -24.44
C THR C 123 10.69 7.04 -24.70
N GLY C 124 11.81 7.69 -24.38
CA GLY C 124 13.13 7.09 -24.51
C GLY C 124 13.39 5.94 -23.54
N TYR C 125 12.98 6.13 -22.29
CA TYR C 125 13.08 5.09 -21.28
C TYR C 125 12.22 3.87 -21.64
N LEU C 126 11.03 4.11 -22.18
CA LEU C 126 10.15 3.02 -22.56
C LEU C 126 10.61 2.25 -23.81
N ALA C 127 11.11 2.98 -24.82
CA ALA C 127 11.66 2.34 -26.01
C ALA C 127 12.90 1.54 -25.60
N LEU C 128 13.68 2.09 -24.68
CA LEU C 128 14.80 1.35 -24.09
C LEU C 128 14.38 0.01 -23.48
N GLN C 129 13.29 0.03 -22.72
CA GLN C 129 12.72 -1.19 -22.16
C GLN C 129 12.32 -2.17 -23.23
N GLU C 130 11.63 -1.69 -24.27
CA GLU C 130 11.31 -2.53 -25.42
C GLU C 130 12.55 -3.09 -26.13
N LEU C 131 13.62 -2.30 -26.21
CA LEU C 131 14.90 -2.75 -26.79
C LEU C 131 15.54 -3.85 -25.97
N ARG C 132 15.58 -3.69 -24.64
CA ARG C 132 16.09 -4.72 -23.75
C ARG C 132 15.40 -6.07 -23.95
N LEU C 133 14.07 -6.06 -24.03
CA LEU C 133 13.33 -7.32 -24.21
C LEU C 133 13.56 -7.92 -25.59
N GLU C 134 13.61 -7.07 -26.60
CA GLU C 134 13.94 -7.54 -27.93
C GLU C 134 15.36 -8.09 -28.02
N ALA C 135 16.27 -7.54 -27.21
CA ALA C 135 17.67 -7.94 -27.19
C ALA C 135 17.81 -9.41 -26.85
N VAL C 136 16.94 -9.90 -25.95
CA VAL C 136 16.84 -11.33 -25.67
C VAL C 136 16.60 -12.15 -26.94
N ARG C 137 15.90 -11.60 -27.93
CA ARG C 137 15.54 -12.32 -29.17
C ARG C 137 16.44 -12.04 -30.37
N ARG C 138 17.21 -10.94 -30.36
CA ARG C 138 18.10 -10.57 -31.46
C ARG C 138 19.53 -10.32 -30.98
N PRO C 139 20.46 -11.24 -31.31
CA PRO C 139 21.81 -11.18 -30.73
C PRO C 139 22.57 -9.94 -31.17
N GLU C 140 22.30 -9.45 -32.37
CA GLU C 140 23.01 -8.29 -32.89
C GLU C 140 22.64 -7.04 -32.08
N LEU C 141 21.35 -6.84 -31.84
CA LEU C 141 20.86 -5.80 -30.94
C LEU C 141 21.49 -5.94 -29.55
N ARG C 142 21.52 -7.17 -29.02
CA ARG C 142 22.08 -7.45 -27.70
C ARG C 142 23.53 -7.02 -27.58
N THR C 143 24.33 -7.30 -28.61
CA THR C 143 25.75 -6.91 -28.65
C THR C 143 25.88 -5.40 -28.57
N THR C 144 25.13 -4.74 -29.42
CA THR C 144 25.10 -3.29 -29.56
C THR C 144 24.60 -2.59 -28.29
N LEU C 145 23.45 -3.02 -27.80
CA LEU C 145 22.87 -2.48 -26.56
C LEU C 145 23.84 -2.73 -25.39
N THR C 146 24.41 -3.93 -25.33
CA THR C 146 25.42 -4.24 -24.28
C THR C 146 26.60 -3.26 -24.29
N ARG C 147 27.13 -2.93 -25.46
CA ARG C 147 28.30 -2.01 -25.57
C ARG C 147 27.94 -0.63 -25.07
N THR C 148 26.85 -0.10 -25.63
CA THR C 148 26.35 1.20 -25.29
C THR C 148 26.16 1.37 -23.78
N ILE C 149 25.48 0.40 -23.17
CA ILE C 149 25.16 0.47 -21.75
C ILE C 149 26.43 0.28 -20.91
N SER C 150 27.23 -0.72 -21.27
CA SER C 150 28.51 -0.96 -20.59
C SER C 150 29.45 0.22 -20.56
N GLU C 151 29.60 0.85 -21.72
CA GLU C 151 30.52 1.98 -21.88
C GLU C 151 30.02 3.18 -21.10
N ASN C 152 28.71 3.44 -21.21
CA ASN C 152 28.10 4.50 -20.44
C ASN C 152 28.23 4.28 -18.94
N LEU C 153 28.08 3.05 -18.49
CA LEU C 153 28.26 2.73 -17.08
C LEU C 153 29.73 2.88 -16.63
N LYS C 154 30.66 2.42 -17.48
CA LYS C 154 32.11 2.61 -17.27
C LYS C 154 32.45 4.10 -17.06
N ARG C 155 31.88 4.95 -17.91
CA ARG C 155 32.10 6.40 -17.83
C ARG C 155 31.55 7.00 -16.55
N ASP C 156 30.37 6.54 -16.09
CA ASP C 156 29.82 7.00 -14.81
C ASP C 156 30.64 6.54 -13.62
N ILE C 157 31.16 5.31 -13.67
CA ILE C 157 32.01 4.85 -12.58
C ILE C 157 33.27 5.71 -12.55
N GLY C 158 33.88 5.88 -13.73
CA GLY C 158 35.06 6.74 -13.89
C GLY C 158 34.81 8.16 -13.42
N PHE C 159 33.69 8.76 -13.84
CA PHE C 159 33.26 10.07 -13.34
C PHE C 159 33.19 10.14 -11.81
N HIS C 160 32.45 9.22 -11.20
CA HIS C 160 32.34 9.17 -9.75
C HIS C 160 33.70 9.05 -9.04
N LEU C 161 34.54 8.12 -9.49
CA LEU C 161 35.84 7.90 -8.86
C LEU C 161 36.74 9.14 -9.00
N ASP C 162 36.60 9.87 -10.10
CA ASP C 162 37.31 11.12 -10.35
C ASP C 162 36.67 12.34 -9.68
N SER C 163 35.37 12.27 -9.37
CA SER C 163 34.63 13.41 -8.79
C SER C 163 35.11 13.85 -7.39
N GLY C 164 35.71 12.93 -6.64
CA GLY C 164 35.97 13.18 -5.22
C GLY C 164 34.81 12.84 -4.29
N LEU C 165 33.66 12.43 -4.85
CA LEU C 165 32.53 12.00 -4.01
C LEU C 165 32.92 10.75 -3.23
N PRO C 166 32.33 10.55 -2.03
CA PRO C 166 32.65 9.27 -1.39
C PRO C 166 31.97 8.13 -2.17
N GLY C 167 32.49 6.91 -2.02
CA GLY C 167 31.93 5.77 -2.71
C GLY C 167 32.91 4.98 -3.56
N ASP C 168 32.50 3.76 -3.92
CA ASP C 168 33.33 2.85 -4.67
C ASP C 168 32.59 2.43 -5.96
N ARG C 169 32.98 1.31 -6.56
CA ARG C 169 32.27 0.81 -7.73
C ARG C 169 30.84 0.40 -7.37
N SER C 170 30.70 -0.29 -6.24
CA SER C 170 29.40 -0.73 -5.70
C SER C 170 28.42 0.43 -5.53
N THR C 171 28.94 1.60 -5.13
CA THR C 171 28.15 2.83 -5.03
C THR C 171 27.42 3.14 -6.34
N VAL C 172 28.17 3.11 -7.44
CA VAL C 172 27.65 3.52 -8.74
C VAL C 172 26.75 2.46 -9.37
N LEU C 173 27.13 1.19 -9.20
CA LEU C 173 26.32 0.06 -9.63
C LEU C 173 24.98 0.04 -8.89
N LEU C 175 23.48 2.62 -7.26
CA LEU C 175 22.74 3.77 -7.75
C LEU C 175 22.19 3.59 -9.17
N TYR C 176 22.99 2.98 -10.05
CA TYR C 176 22.57 2.70 -11.44
C TYR C 176 21.37 1.74 -11.46
N LEU C 177 21.47 0.67 -10.68
CA LEU C 177 20.41 -0.35 -10.62
C LEU C 177 19.10 0.17 -9.98
N ALA C 178 19.18 0.74 -8.79
CA ALA C 178 18.00 1.27 -8.09
C ALA C 178 17.32 2.36 -8.89
N ASN C 180 17.48 2.79 -12.24
CA ASN C 180 16.82 2.19 -13.39
C ASN C 180 15.45 1.62 -13.04
N ALA C 181 15.36 0.93 -11.89
CA ALA C 181 14.13 0.27 -11.48
C ALA C 181 13.10 1.29 -11.00
N LEU C 182 13.56 2.34 -10.31
CA LEU C 182 12.70 3.43 -9.89
C LEU C 182 12.02 4.07 -11.08
N ILE C 183 12.79 4.35 -12.11
CA ILE C 183 12.28 4.96 -13.35
C ILE C 183 11.27 4.06 -14.07
N VAL C 184 11.61 2.78 -14.24
CA VAL C 184 10.70 1.81 -14.86
C VAL C 184 9.38 1.62 -14.09
N GLU C 185 9.46 1.53 -12.77
CA GLU C 185 8.27 1.39 -11.96
C GLU C 185 7.32 2.60 -12.16
N HIS C 186 7.88 3.80 -12.05
CA HIS C 186 7.12 5.00 -12.26
C HIS C 186 6.45 5.06 -13.62
N LEU C 187 7.18 4.68 -14.67
CA LEU C 187 6.60 4.76 -16.00
C LEU C 187 5.64 3.64 -16.28
N THR C 188 5.80 2.50 -15.64
CA THR C 188 4.91 1.39 -15.98
C THR C 188 3.76 1.25 -14.98
N LEU C 189 4.08 1.16 -13.70
CA LEU C 189 3.07 1.04 -12.67
C LEU C 189 3.25 2.18 -11.67
N PRO C 190 2.85 3.42 -12.04
CA PRO C 190 3.07 4.56 -11.15
C PRO C 190 2.37 4.37 -9.80
N GLY C 191 1.28 3.61 -9.80
CA GLY C 191 0.54 3.33 -8.56
C GLY C 191 1.34 2.61 -7.47
N VAL C 192 2.45 1.96 -7.84
CA VAL C 192 3.21 1.16 -6.89
C VAL C 192 3.94 2.06 -5.89
N LEU C 193 4.37 3.21 -6.38
CA LEU C 193 5.15 4.13 -5.63
C LEU C 193 4.29 5.28 -5.13
N GLU C 194 2.99 5.20 -5.40
CA GLU C 194 2.07 6.26 -5.01
C GLU C 194 2.20 6.69 -3.54
N GLY C 195 2.33 5.76 -2.60
CA GLY C 195 2.49 6.14 -1.20
C GLY C 195 3.92 6.41 -0.82
N VAL C 196 4.80 6.47 -1.82
CA VAL C 196 6.25 6.61 -1.61
C VAL C 196 6.72 8.03 -1.80
N ASP C 197 7.45 8.48 -0.79
CA ASP C 197 8.14 9.74 -0.78
C ASP C 197 9.44 9.59 -1.60
N THR C 198 9.32 9.76 -2.91
CA THR C 198 10.37 9.41 -3.86
C THR C 198 11.60 10.32 -3.80
N GLU C 199 11.40 11.54 -3.31
CA GLU C 199 12.49 12.50 -3.09
C GLU C 199 13.37 12.13 -1.88
N ARG C 200 12.72 11.66 -0.83
CA ARG C 200 13.40 11.18 0.36
C ARG C 200 14.03 9.84 0.08
N LEU C 201 13.35 9.02 -0.73
CA LEU C 201 13.87 7.73 -1.13
C LEU C 201 15.21 7.92 -1.86
N VAL C 202 15.23 8.84 -2.82
CA VAL C 202 16.44 9.09 -3.63
C VAL C 202 17.61 9.63 -2.79
N ALA C 203 17.28 10.52 -1.85
CA ALA C 203 18.25 10.99 -0.84
C ALA C 203 18.79 9.88 0.03
N ASP C 204 17.92 9.01 0.53
CA ASP C 204 18.38 7.84 1.30
C ASP C 204 19.25 6.87 0.48
N LEU C 205 18.89 6.71 -0.79
CA LEU C 205 19.58 5.81 -1.71
C LEU C 205 21.01 6.27 -1.96
N VAL C 206 21.17 7.54 -2.33
CA VAL C 206 22.47 8.13 -2.56
C VAL C 206 23.33 8.12 -1.27
N THR C 207 22.73 8.55 -0.16
CA THR C 207 23.42 8.64 1.16
C THR C 207 23.90 7.29 1.68
N ARG C 208 23.12 6.23 1.46
CA ARG C 208 23.58 4.90 1.87
C ARG C 208 24.58 4.28 0.89
N ALA C 209 24.40 4.60 -0.39
CA ALA C 209 25.23 4.04 -1.45
C ALA C 209 26.70 4.45 -1.34
N VAL C 210 26.94 5.73 -1.09
CA VAL C 210 28.30 6.31 -1.02
C VAL C 210 29.10 5.78 0.17
N ALA C 211 28.40 5.29 1.18
CA ALA C 211 29.03 4.69 2.33
C ALA C 211 29.75 3.44 1.87
N THR C 212 30.86 3.13 2.54
CA THR C 212 31.70 2.00 2.17
C THR C 212 32.03 1.18 3.41
N PRO C 213 31.00 0.65 4.11
CA PRO C 213 31.34 -0.26 5.20
C PRO C 213 31.87 -1.55 4.60
N ASP C 214 32.68 -2.29 5.35
CA ASP C 214 33.08 -3.64 4.93
C ASP C 214 31.89 -4.57 5.08
N ALA C 215 31.53 -5.23 3.99
CA ALA C 215 30.43 -6.19 3.97
C ALA C 215 30.98 -7.58 4.23
N GLN D 25 -10.17 -29.92 -12.58
CA GLN D 25 -10.18 -30.06 -14.06
C GLN D 25 -10.40 -28.73 -14.75
N ASN D 26 -11.07 -27.82 -14.05
CA ASN D 26 -11.24 -26.44 -14.54
C ASN D 26 -10.29 -25.43 -13.87
N PRO D 27 -9.96 -25.60 -12.58
CA PRO D 27 -9.00 -24.68 -11.98
C PRO D 27 -7.54 -25.08 -12.21
N GLU D 28 -7.27 -26.37 -12.33
CA GLU D 28 -5.91 -26.88 -12.55
C GLU D 28 -5.48 -26.69 -14.00
N ARG D 29 -6.35 -27.04 -14.93
CA ARG D 29 -6.08 -26.87 -16.37
C ARG D 29 -6.14 -25.39 -16.76
N ARG D 30 -6.70 -24.57 -15.88
CA ARG D 30 -6.63 -23.11 -15.99
C ARG D 30 -5.21 -22.64 -15.67
N ALA D 31 -4.65 -23.17 -14.59
CA ALA D 31 -3.28 -22.86 -14.18
C ALA D 31 -2.29 -23.33 -15.24
N ALA D 32 -2.55 -24.51 -15.80
CA ALA D 32 -1.81 -25.02 -16.96
C ALA D 32 -1.82 -24.02 -18.11
N LEU D 33 -2.98 -23.39 -18.34
CA LEU D 33 -3.11 -22.40 -19.41
C LEU D 33 -2.42 -21.07 -19.07
N VAL D 34 -2.46 -20.67 -17.80
CA VAL D 34 -1.81 -19.46 -17.35
C VAL D 34 -0.29 -19.63 -17.48
N ASN D 35 0.19 -20.83 -17.16
CA ASN D 35 1.57 -21.21 -17.41
C ASN D 35 1.94 -21.15 -18.89
N ALA D 36 1.13 -21.81 -19.73
CA ALA D 36 1.28 -21.72 -21.18
C ALA D 36 1.35 -20.25 -21.67
N ALA D 37 0.50 -19.39 -21.11
CA ALA D 37 0.55 -17.94 -21.36
C ALA D 37 1.87 -17.27 -20.91
N ILE D 38 2.37 -17.64 -19.74
CA ILE D 38 3.64 -17.11 -19.23
C ILE D 38 4.81 -17.52 -20.13
N GLU D 39 4.80 -18.77 -20.60
CA GLU D 39 5.76 -19.25 -21.59
C GLU D 39 5.68 -18.42 -22.87
N VAL D 40 4.46 -18.22 -23.39
CA VAL D 40 4.24 -17.42 -24.61
C VAL D 40 4.73 -15.97 -24.50
N LEU D 41 4.44 -15.33 -23.36
CA LEU D 41 4.88 -13.96 -23.13
C LEU D 41 6.40 -13.86 -23.13
N ALA D 42 7.07 -14.72 -22.36
CA ALA D 42 8.53 -14.69 -22.23
C ALA D 42 9.24 -15.01 -23.54
N ARG D 43 8.62 -15.87 -24.35
CA ARG D 43 9.17 -16.27 -25.65
C ARG D 43 8.94 -15.23 -26.74
N GLU D 44 7.71 -14.70 -26.80
CA GLU D 44 7.26 -13.93 -27.95
C GLU D 44 7.02 -12.46 -27.63
N GLY D 45 6.31 -12.22 -26.53
CA GLY D 45 6.00 -10.86 -26.10
C GLY D 45 4.52 -10.65 -25.92
N ALA D 46 4.15 -9.38 -25.68
CA ALA D 46 2.78 -9.00 -25.38
C ALA D 46 1.85 -9.04 -26.60
N ARG D 47 2.32 -8.55 -27.76
CA ARG D 47 1.57 -8.68 -29.02
C ARG D 47 1.47 -10.14 -29.47
N GLY D 48 2.55 -10.89 -29.25
CA GLY D 48 2.58 -12.33 -29.54
C GLY D 48 1.57 -13.14 -28.75
N LEU D 49 1.14 -12.62 -27.59
CA LEU D 49 0.16 -13.33 -26.77
C LEU D 49 -1.24 -13.24 -27.38
N THR D 50 -1.76 -14.41 -27.72
CA THR D 50 -3.09 -14.55 -28.31
C THR D 50 -3.62 -15.95 -27.98
N PHE D 51 -4.92 -16.15 -28.17
CA PHE D 51 -5.57 -17.42 -27.87
C PHE D 51 -5.08 -18.57 -28.76
N ARG D 52 -4.70 -18.24 -30.00
CA ARG D 52 -4.12 -19.23 -30.90
C ARG D 52 -2.75 -19.69 -30.43
N ALA D 53 -1.88 -18.73 -30.13
CA ALA D 53 -0.54 -19.00 -29.64
C ALA D 53 -0.51 -19.71 -28.28
N VAL D 54 -1.50 -19.43 -27.43
CA VAL D 54 -1.60 -20.13 -26.16
C VAL D 54 -1.94 -21.61 -26.35
N ASP D 55 -2.87 -21.91 -27.26
CA ASP D 55 -3.25 -23.28 -27.59
C ASP D 55 -2.08 -24.10 -28.14
N VAL D 56 -1.40 -23.54 -29.14
CA VAL D 56 -0.18 -24.12 -29.68
C VAL D 56 0.84 -24.42 -28.57
N GLU D 57 0.90 -23.55 -27.55
CA GLU D 57 1.77 -23.76 -26.38
C GLU D 57 1.10 -24.67 -25.33
N ALA D 58 -0.24 -24.63 -25.30
CA ALA D 58 -1.02 -25.28 -24.24
C ALA D 58 -0.89 -26.80 -24.16
N ASN D 59 -0.89 -27.28 -22.92
CA ASN D 59 -0.95 -28.68 -22.55
C ASN D 59 -2.26 -29.29 -23.07
N VAL D 60 -2.91 -28.52 -23.94
CA VAL D 60 -4.14 -28.90 -24.65
C VAL D 60 -4.28 -27.95 -25.87
N PRO D 61 -3.57 -28.27 -26.98
CA PRO D 61 -3.51 -27.45 -28.20
C PRO D 61 -4.80 -27.30 -29.03
N LYS D 62 -5.92 -27.87 -28.56
CA LYS D 62 -7.15 -27.89 -29.34
C LYS D 62 -7.75 -26.49 -29.61
N GLY D 63 -8.53 -25.96 -28.66
CA GLY D 63 -9.16 -24.64 -28.80
C GLY D 63 -9.53 -24.07 -27.44
N THR D 64 -9.00 -24.74 -26.41
CA THR D 64 -9.40 -24.59 -25.01
C THR D 64 -9.37 -23.16 -24.45
N ALA D 65 -8.39 -22.35 -24.88
CA ALA D 65 -8.08 -21.06 -24.23
C ALA D 65 -9.20 -20.03 -24.31
N SER D 66 -9.87 -19.97 -25.46
CA SER D 66 -10.95 -19.02 -25.72
C SER D 66 -12.18 -19.33 -24.86
N ASN D 67 -12.31 -20.61 -24.49
CA ASN D 67 -13.36 -21.07 -23.59
C ASN D 67 -13.08 -20.75 -22.12
N TYR D 68 -11.84 -20.35 -21.82
CA TYR D 68 -11.43 -20.07 -20.44
C TYR D 68 -11.26 -18.59 -20.15
N PHE D 69 -11.17 -17.79 -21.20
CA PHE D 69 -10.96 -16.35 -21.07
C PHE D 69 -11.83 -15.61 -22.07
N PRO D 70 -12.77 -14.78 -21.56
CA PRO D 70 -13.72 -14.03 -22.39
C PRO D 70 -13.03 -13.08 -23.36
N SER D 71 -11.87 -12.59 -22.97
CA SER D 71 -11.14 -11.63 -23.77
C SER D 71 -9.65 -11.82 -23.56
N ARG D 72 -8.88 -11.35 -24.54
CA ARG D 72 -7.44 -11.30 -24.46
C ARG D 72 -7.09 -10.38 -23.29
N ASP D 73 -7.93 -9.38 -23.07
CA ASP D 73 -7.80 -8.43 -21.97
C ASP D 73 -7.84 -9.15 -20.62
N ASP D 74 -8.74 -10.12 -20.52
CA ASP D 74 -8.95 -10.89 -19.30
C ASP D 74 -7.86 -11.93 -19.06
N LEU D 75 -7.31 -12.48 -20.14
CA LEU D 75 -6.17 -13.39 -20.05
C LEU D 75 -4.95 -12.73 -19.39
N PHE D 76 -4.61 -11.52 -19.83
CA PHE D 76 -3.50 -10.74 -19.25
C PHE D 76 -3.71 -10.51 -17.76
N ASP D 77 -4.96 -10.21 -17.38
CA ASP D 77 -5.35 -9.97 -15.99
C ASP D 77 -5.14 -11.17 -15.08
N GLN D 78 -5.52 -12.34 -15.57
CA GLN D 78 -5.29 -13.60 -14.87
C GLN D 78 -3.80 -13.73 -14.55
N VAL D 79 -2.96 -13.74 -15.58
CA VAL D 79 -1.49 -13.74 -15.39
C VAL D 79 -1.02 -12.55 -14.52
N GLY D 80 -1.60 -11.37 -14.73
CA GLY D 80 -1.36 -10.21 -13.87
C GLY D 80 -1.62 -10.42 -12.39
N LYS D 81 -2.60 -11.27 -12.07
CA LYS D 81 -2.89 -11.65 -10.68
C LYS D 81 -2.09 -12.89 -10.24
N ARG D 82 -1.61 -13.65 -11.21
CA ARG D 82 -1.00 -14.96 -10.98
C ARG D 82 0.52 -14.93 -10.92
N ILE D 83 1.13 -13.95 -11.59
CA ILE D 83 2.55 -13.98 -11.99
C ILE D 83 3.57 -14.16 -10.85
N HIS D 84 3.25 -13.59 -9.70
CA HIS D 84 4.10 -13.65 -8.51
C HIS D 84 4.12 -15.03 -7.83
N GLU D 85 3.33 -15.96 -8.32
CA GLU D 85 3.37 -17.34 -7.87
C GLU D 85 4.50 -18.07 -8.58
N ARG D 86 4.88 -17.59 -9.75
CA ARG D 86 5.99 -18.16 -10.52
C ARG D 86 7.34 -17.49 -10.27
N LEU D 87 7.36 -16.24 -9.83
CA LEU D 87 8.62 -15.52 -9.59
C LEU D 87 9.13 -15.67 -8.16
N ASN D 103 22.76 -12.45 11.22
CA ASN D 103 21.40 -12.04 10.93
C ASN D 103 21.36 -11.18 9.67
N LEU D 104 22.38 -10.34 9.49
CA LEU D 104 22.61 -9.63 8.24
C LEU D 104 23.24 -10.57 7.24
N GLU D 105 23.93 -11.60 7.73
CA GLU D 105 24.56 -12.61 6.88
C GLU D 105 23.52 -13.46 6.18
N LEU D 106 22.36 -13.64 6.82
CA LEU D 106 21.31 -14.49 6.29
C LEU D 106 20.56 -13.76 5.20
N ALA D 107 20.19 -12.51 5.48
CA ALA D 107 19.62 -11.62 4.48
C ALA D 107 20.51 -11.60 3.24
N ILE D 108 21.81 -11.36 3.44
CA ILE D 108 22.76 -11.34 2.33
C ILE D 108 22.74 -12.66 1.55
N GLU D 109 23.01 -13.77 2.25
CA GLU D 109 23.04 -15.08 1.62
C GLU D 109 21.74 -15.38 0.87
N TYR D 110 20.62 -14.94 1.44
CA TYR D 110 19.32 -15.14 0.81
C TYR D 110 19.22 -14.42 -0.53
N GLN D 112 21.56 -13.31 -2.47
CA GLN D 112 22.48 -13.93 -3.40
C GLN D 112 21.88 -15.20 -3.98
N GLY D 113 21.23 -15.98 -3.14
CA GLY D 113 20.55 -17.21 -3.54
C GLY D 113 19.33 -16.92 -4.41
N LEU D 114 18.63 -15.83 -4.11
CA LEU D 114 17.49 -15.41 -4.91
C LEU D 114 17.93 -14.94 -6.31
N PHE D 115 19.08 -14.27 -6.38
CA PHE D 115 19.63 -13.86 -7.67
C PHE D 115 20.20 -15.07 -8.40
N GLY D 116 20.36 -16.18 -7.67
CA GLY D 116 20.79 -17.44 -8.28
C GLY D 116 19.63 -18.12 -8.97
N ARG D 117 18.47 -18.15 -8.30
CA ARG D 117 17.29 -18.85 -8.80
C ARG D 117 16.74 -18.18 -10.07
N ILE D 118 17.49 -17.18 -10.54
CA ILE D 118 17.12 -16.26 -11.62
C ILE D 118 17.02 -16.95 -12.98
N THR D 119 18.05 -17.73 -13.32
CA THR D 119 18.20 -18.40 -14.61
C THR D 119 17.11 -19.46 -14.83
N ARG D 120 16.67 -20.13 -13.77
CA ARG D 120 15.59 -21.09 -13.91
C ARG D 120 14.26 -20.34 -14.09
N ASP D 121 14.01 -19.39 -13.19
CA ASP D 121 12.79 -18.61 -13.26
C ASP D 121 12.94 -17.41 -14.22
N ARG D 122 13.89 -17.56 -15.15
CA ARG D 122 14.10 -16.68 -16.30
C ARG D 122 12.79 -16.26 -16.95
N THR D 123 11.95 -17.27 -17.20
CA THR D 123 10.69 -17.12 -17.91
C THR D 123 9.66 -16.27 -17.18
N GLY D 124 9.54 -16.47 -15.87
CA GLY D 124 8.64 -15.67 -15.01
C GLY D 124 9.02 -14.20 -14.88
N TYR D 125 10.32 -13.93 -14.73
CA TYR D 125 10.78 -12.55 -14.68
C TYR D 125 10.64 -11.87 -16.04
N LEU D 126 10.87 -12.60 -17.12
CA LEU D 126 10.73 -12.03 -18.45
C LEU D 126 9.27 -11.77 -18.85
N ALA D 127 8.36 -12.69 -18.53
CA ALA D 127 6.94 -12.49 -18.76
C ALA D 127 6.44 -11.30 -17.94
N LEU D 128 6.95 -11.19 -16.71
CA LEU D 128 6.69 -10.05 -15.86
C LEU D 128 7.06 -8.74 -16.55
N GLN D 129 8.26 -8.70 -17.17
CA GLN D 129 8.70 -7.53 -17.93
C GLN D 129 7.74 -7.19 -19.05
N GLU D 130 7.40 -8.19 -19.86
CA GLU D 130 6.40 -8.01 -20.92
C GLU D 130 5.08 -7.48 -20.35
N LEU D 131 4.68 -7.98 -19.18
CA LEU D 131 3.45 -7.50 -18.54
C LEU D 131 3.52 -6.05 -18.15
N ARG D 132 4.67 -5.61 -17.63
CA ARG D 132 4.86 -4.20 -17.23
C ARG D 132 4.68 -3.26 -18.41
N LEU D 133 5.24 -3.62 -19.56
CA LEU D 133 5.18 -2.76 -20.75
C LEU D 133 3.80 -2.76 -21.35
N GLU D 134 3.14 -3.91 -21.31
CA GLU D 134 1.77 -4.02 -21.75
C GLU D 134 0.83 -3.22 -20.86
N ALA D 135 1.15 -3.13 -19.57
CA ALA D 135 0.37 -2.40 -18.58
C ALA D 135 0.24 -0.91 -18.87
N VAL D 136 1.30 -0.31 -19.42
CA VAL D 136 1.21 1.05 -19.98
C VAL D 136 0.05 1.17 -20.98
N ARG D 137 -0.20 0.12 -21.78
CA ARG D 137 -1.19 0.15 -22.86
C ARG D 137 -2.57 -0.39 -22.47
N ARG D 138 -2.67 -1.17 -21.39
CA ARG D 138 -3.95 -1.74 -20.94
C ARG D 138 -4.23 -1.42 -19.48
N PRO D 139 -5.20 -0.52 -19.22
CA PRO D 139 -5.49 0.00 -17.88
C PRO D 139 -5.87 -1.12 -16.91
N GLU D 140 -6.60 -2.10 -17.41
CA GLU D 140 -7.11 -3.17 -16.58
C GLU D 140 -5.98 -4.01 -16.01
N LEU D 141 -5.01 -4.37 -16.87
CA LEU D 141 -3.81 -5.05 -16.44
C LEU D 141 -3.01 -4.19 -15.46
N ARG D 142 -2.95 -2.88 -15.75
CA ARG D 142 -2.20 -1.95 -14.92
C ARG D 142 -2.72 -1.96 -13.50
N THR D 143 -4.05 -1.92 -13.35
CA THR D 143 -4.70 -1.96 -12.03
C THR D 143 -4.36 -3.26 -11.30
N THR D 144 -4.46 -4.38 -12.01
CA THR D 144 -4.22 -5.70 -11.47
C THR D 144 -2.77 -5.93 -11.05
N LEU D 145 -1.83 -5.58 -11.93
CA LEU D 145 -0.40 -5.72 -11.67
C LEU D 145 0.03 -4.77 -10.55
N THR D 146 -0.50 -3.54 -10.57
CA THR D 146 -0.24 -2.57 -9.48
C THR D 146 -0.60 -3.16 -8.12
N ARG D 147 -1.78 -3.76 -8.00
CA ARG D 147 -2.21 -4.38 -6.73
C ARG D 147 -1.27 -5.48 -6.27
N THR D 148 -1.03 -6.43 -7.16
CA THR D 148 -0.16 -7.56 -6.88
C THR D 148 1.20 -7.10 -6.40
N ILE D 149 1.83 -6.21 -7.16
CA ILE D 149 3.15 -5.70 -6.81
C ILE D 149 3.14 -4.92 -5.49
N SER D 150 2.19 -4.01 -5.34
CA SER D 150 2.02 -3.22 -4.10
C SER D 150 1.84 -4.05 -2.85
N GLU D 151 0.96 -5.03 -2.94
CA GLU D 151 0.65 -5.88 -1.80
C GLU D 151 1.85 -6.74 -1.42
N ASN D 152 2.50 -7.31 -2.43
CA ASN D 152 3.73 -8.04 -2.20
C ASN D 152 4.84 -7.18 -1.58
N LEU D 153 4.98 -5.96 -2.06
CA LEU D 153 5.97 -5.05 -1.49
C LEU D 153 5.60 -4.62 -0.05
N LYS D 154 4.33 -4.28 0.18
CA LYS D 154 3.84 -4.01 1.54
C LYS D 154 4.20 -5.17 2.50
N ARG D 155 3.99 -6.41 2.05
CA ARG D 155 4.28 -7.59 2.87
C ARG D 155 5.76 -7.74 3.16
N ASP D 156 6.62 -7.46 2.18
CA ASP D 156 8.06 -7.54 2.42
C ASP D 156 8.53 -6.43 3.36
N ILE D 157 7.90 -5.27 3.29
CA ILE D 157 8.21 -4.18 4.20
C ILE D 157 7.82 -4.59 5.63
N GLY D 158 6.60 -5.11 5.80
CA GLY D 158 6.13 -5.62 7.08
C GLY D 158 6.99 -6.74 7.63
N PHE D 159 7.34 -7.71 6.78
CA PHE D 159 8.25 -8.78 7.17
C PHE D 159 9.58 -8.23 7.71
N HIS D 160 10.24 -7.40 6.92
CA HIS D 160 11.47 -6.76 7.36
C HIS D 160 11.34 -6.02 8.70
N LEU D 161 10.35 -5.14 8.81
CA LEU D 161 10.11 -4.40 10.05
C LEU D 161 9.88 -5.32 11.26
N ASP D 162 9.14 -6.42 11.05
CA ASP D 162 8.92 -7.46 12.06
C ASP D 162 10.15 -8.35 12.33
N SER D 163 11.05 -8.49 11.35
CA SER D 163 12.17 -9.43 11.46
C SER D 163 13.22 -9.08 12.52
N GLY D 164 13.27 -7.84 12.97
CA GLY D 164 14.37 -7.38 13.82
C GLY D 164 15.63 -6.97 13.04
N LEU D 165 15.64 -7.24 11.74
CA LEU D 165 16.76 -6.81 10.90
C LEU D 165 16.97 -5.30 11.02
N PRO D 166 18.21 -4.82 10.87
CA PRO D 166 18.32 -3.36 10.83
C PRO D 166 17.72 -2.84 9.52
N GLY D 167 17.28 -1.59 9.50
CA GLY D 167 16.69 -1.00 8.31
C GLY D 167 15.34 -0.32 8.54
N ASP D 168 14.90 0.45 7.53
CA ASP D 168 13.62 1.16 7.57
C ASP D 168 12.84 0.83 6.28
N ARG D 169 11.88 1.68 5.89
CA ARG D 169 11.15 1.47 4.65
C ARG D 169 12.05 1.64 3.42
N SER D 170 12.93 2.64 3.47
CA SER D 170 13.93 2.89 2.43
C SER D 170 14.85 1.69 2.20
N THR D 171 15.16 0.95 3.26
CA THR D 171 16.00 -0.25 3.15
C THR D 171 15.38 -1.25 2.16
N VAL D 172 14.10 -1.54 2.37
CA VAL D 172 13.34 -2.51 1.57
C VAL D 172 13.01 -2.01 0.17
N LEU D 173 12.66 -0.72 0.06
CA LEU D 173 12.45 -0.09 -1.23
C LEU D 173 13.73 -0.12 -2.08
N LEU D 175 16.45 -2.17 -1.73
CA LEU D 175 16.74 -3.55 -2.07
C LEU D 175 15.79 -4.08 -3.14
N TYR D 176 14.50 -3.83 -2.96
CA TYR D 176 13.47 -4.17 -3.97
C TYR D 176 13.87 -3.63 -5.36
N LEU D 177 14.20 -2.34 -5.42
CA LEU D 177 14.51 -1.69 -6.69
C LEU D 177 15.83 -2.18 -7.31
N ALA D 178 16.92 -2.20 -6.53
CA ALA D 178 18.21 -2.66 -7.05
C ALA D 178 18.18 -4.13 -7.46
N ASN D 180 15.43 -5.84 -8.47
CA ASN D 180 14.66 -5.89 -9.71
C ASN D 180 15.50 -5.61 -10.95
N ALA D 181 16.31 -4.55 -10.89
CA ALA D 181 17.12 -4.12 -12.03
C ALA D 181 18.33 -5.03 -12.28
N LEU D 182 18.92 -5.56 -11.21
CA LEU D 182 19.98 -6.57 -11.33
C LEU D 182 19.50 -7.81 -12.10
N ILE D 183 18.32 -8.29 -11.71
CA ILE D 183 17.67 -9.43 -12.34
C ILE D 183 17.37 -9.14 -13.83
N VAL D 184 16.74 -8.02 -14.12
CA VAL D 184 16.46 -7.62 -15.50
C VAL D 184 17.73 -7.46 -16.35
N GLU D 185 18.77 -6.86 -15.80
CA GLU D 185 20.01 -6.70 -16.53
C GLU D 185 20.63 -8.06 -16.90
N HIS D 186 20.73 -8.94 -15.91
CA HIS D 186 21.27 -10.24 -16.12
C HIS D 186 20.46 -10.98 -17.19
N LEU D 187 19.14 -10.91 -17.11
CA LEU D 187 18.33 -11.67 -18.04
C LEU D 187 18.34 -11.11 -19.45
N THR D 188 18.54 -9.80 -19.59
CA THR D 188 18.41 -9.19 -20.90
C THR D 188 19.76 -8.89 -21.52
N LEU D 189 20.60 -8.17 -20.80
CA LEU D 189 21.97 -7.90 -21.28
C LEU D 189 22.98 -8.46 -20.28
N PRO D 190 23.15 -9.79 -20.23
CA PRO D 190 24.10 -10.37 -19.28
C PRO D 190 25.52 -9.82 -19.41
N GLY D 191 25.90 -9.37 -20.60
CA GLY D 191 27.24 -8.84 -20.84
C GLY D 191 27.58 -7.58 -20.05
N VAL D 192 26.55 -6.86 -19.58
CA VAL D 192 26.76 -5.59 -18.91
C VAL D 192 27.41 -5.80 -17.54
N LEU D 193 27.06 -6.91 -16.90
CA LEU D 193 27.51 -7.22 -15.56
C LEU D 193 28.61 -8.24 -15.58
N GLU D 194 29.07 -8.61 -16.77
CA GLU D 194 30.10 -9.62 -16.93
C GLU D 194 31.40 -9.39 -16.10
N GLY D 195 31.89 -8.16 -16.05
CA GLY D 195 33.05 -7.85 -15.20
C GLY D 195 32.66 -7.51 -13.77
N VAL D 196 31.39 -7.67 -13.45
CA VAL D 196 30.86 -7.37 -12.10
C VAL D 196 30.85 -8.61 -11.22
N ASP D 197 31.41 -8.44 -10.03
CA ASP D 197 31.40 -9.41 -8.94
C ASP D 197 30.03 -9.34 -8.23
N THR D 198 29.04 -10.02 -8.79
CA THR D 198 27.64 -9.87 -8.43
C THR D 198 27.31 -10.34 -7.01
N GLU D 199 28.13 -11.23 -6.47
CA GLU D 199 27.98 -11.73 -5.11
C GLU D 199 28.39 -10.67 -4.07
N ARG D 200 29.52 -10.00 -4.31
CA ARG D 200 29.99 -8.90 -3.48
C ARG D 200 29.07 -7.70 -3.64
N LEU D 201 28.53 -7.53 -4.85
CA LEU D 201 27.65 -6.42 -5.13
C LEU D 201 26.42 -6.54 -4.23
N VAL D 202 25.84 -7.74 -4.21
CA VAL D 202 24.61 -8.00 -3.42
C VAL D 202 24.87 -7.85 -1.92
N ALA D 203 26.04 -8.30 -1.46
CA ALA D 203 26.51 -8.10 -0.08
C ALA D 203 26.67 -6.63 0.28
N ASP D 204 27.33 -5.86 -0.60
CA ASP D 204 27.46 -4.41 -0.44
C ASP D 204 26.11 -3.69 -0.40
N LEU D 205 25.20 -4.12 -1.28
CA LEU D 205 23.87 -3.52 -1.42
C LEU D 205 23.04 -3.69 -0.17
N VAL D 206 22.97 -4.93 0.32
CA VAL D 206 22.22 -5.26 1.52
C VAL D 206 22.85 -4.56 2.74
N THR D 207 24.18 -4.66 2.86
CA THR D 207 24.92 -4.03 3.96
C THR D 207 24.77 -2.51 4.02
N ARG D 208 24.68 -1.86 2.86
CA ARG D 208 24.49 -0.40 2.85
C ARG D 208 23.04 -0.01 3.05
N ALA D 209 22.13 -0.84 2.55
CA ALA D 209 20.72 -0.53 2.57
C ALA D 209 20.15 -0.53 3.99
N VAL D 210 20.62 -1.45 4.83
CA VAL D 210 20.13 -1.60 6.20
C VAL D 210 20.57 -0.45 7.12
N ALA D 211 21.61 0.28 6.73
CA ALA D 211 22.06 1.45 7.47
C ALA D 211 21.01 2.54 7.40
N THR D 212 20.93 3.35 8.45
CA THR D 212 19.90 4.40 8.53
C THR D 212 20.47 5.78 8.89
N PRO D 213 21.41 6.29 8.07
CA PRO D 213 21.94 7.63 8.37
C PRO D 213 20.87 8.70 8.11
N ASP D 214 21.10 9.93 8.57
CA ASP D 214 20.22 11.04 8.22
C ASP D 214 20.69 11.61 6.89
N ALA D 215 19.78 11.65 5.92
CA ALA D 215 20.12 12.04 4.54
C ALA D 215 20.04 13.55 4.32
#